data_3EJU
#
_entry.id   3EJU
#
_cell.length_a   69.372
_cell.length_b   110.543
_cell.length_c   139.985
_cell.angle_alpha   90.000
_cell.angle_beta   90.000
_cell.angle_gamma   90.000
#
_symmetry.space_group_name_H-M   'P 21 21 21'
#
loop_
_entity.id
_entity.type
_entity.pdbx_description
1 polymer 'Alpha-mannosidase 2'
2 non-polymer 2-acetamido-2-deoxy-beta-D-glucopyranose
3 non-polymer 'ZINC ION'
4 non-polymer (4R)-2-METHYLPENTANE-2,4-DIOL
5 non-polymer 1-(4-tert-butylphenyl)-2-[(1S,2R,5S,8R,8aR)-1,2,8-trihydroxyoctahydroindolizin-5-yl]ethanone
6 water water
#
_entity_poly.entity_id   1
_entity_poly.type   'polypeptide(L)'
_entity_poly.pdbx_seq_one_letter_code
;RSSHHHHHHGEFDDPIRPPLKVARSPRPGQCQDVVQDVPNVDVQMLELYDRMSFKDIDGGVWKQGWNIKYDPLKYNAHHK
LKVFVVPHSHNDPGWIQTFEEYYQHDTKHILSNALRHLHDNPEMKFIWAEISYFARFYHDLGENKKLQMKSIVKNGQLEF
VTGGWVMPDEANSHWRNVLLQLTEGQTWLKQFMNVTPTASWAIDPFGHSPTMPYILQKSGFKNMLIQRTHYSVKKELAQQ
RQLEFLWRQIWDNKGDTALFTHMMPFYSYDIPHTCGPDPKVCCQFDFKRMGSFGLSCPWKVPPRTISDQNVAARSDLLVD
QWKKKAELYRTNVLLIPLGDDFRFKQNTEWDVQRVNYERLFEHINSQAHFNVQAQFGTLQEYFDAVHQAERAGQAEFPTL
SGDFFTYADRSDNYWSGYYTSRPYHKRMDRVLMHYVRAAEMLSAWHSWDGMARIEERLEQARRELSLFQHHDGITGTAKT
HVVVDYEQRMQEALKACQMVMQQSVYRLLTKPSIYSPDFSFSYFTLDDSRWPGSGVEDSRTTIILGEDILPSKHVVMHNT
LPHWREQLVDFYVSSPFVSVTDLANNPVEAQVSPVWSWHHDTLTKTIHPQGSTTKYRIIFKARVPPMGLATYVLTISDSK
PEHTSYASNLLLRKNPTSLPLGQYPEDVKFGDPREISLRVGNGPTLAFSEQGLLKSIQLTQDSPHVPVHFKFLKYGVRSH
GDRSGAYLFLPNGPASPVELGQPVVLVTKGKLESSVSVGLPSVVHQTIMRGGAPEIRNLVDIGSLDNTEIVMRLETHIDS
GDIFYTDLNGLQFIKRRRLDKLPLQANYYPIPSGMFIEDANTRLTLLTGQPLGGSSLASGELEIMQDRRLASDDERGLGQ
GVLDNKPVLHIYRLVLEKVNNCVRPSKLHPAGYLTSAAHKASQSLLDPLDKFIFAENEWIGAQGQFGGDHPSAREDLDVS
VMRRLTKSSAKTQRVGYVLHRTNLMQCGTPEEHTQKLDVCHLLPNVARCERTTLTFLQNLEHLDGMVAPEVCPMETAAYV
SSHSS
;
_entity_poly.pdbx_strand_id   A
#
# COMPACT_ATOMS: atom_id res chain seq x y z
N GLN A 30 21.69 -10.10 21.50
CA GLN A 30 20.94 -8.83 21.32
C GLN A 30 20.38 -8.73 19.89
N CYS A 31 20.10 -7.50 19.46
CA CYS A 31 19.54 -7.23 18.15
C CYS A 31 20.57 -7.43 17.04
N GLN A 32 20.14 -7.99 15.91
CA GLN A 32 20.96 -8.03 14.69
C GLN A 32 21.26 -6.62 14.22
N ASP A 33 22.47 -6.43 13.70
CA ASP A 33 22.90 -5.19 13.05
C ASP A 33 22.39 -5.21 11.60
N VAL A 34 21.50 -4.28 11.27
CA VAL A 34 20.87 -4.24 9.94
C VAL A 34 21.62 -3.35 8.93
N VAL A 35 22.73 -2.77 9.36
CA VAL A 35 23.52 -1.84 8.54
C VAL A 35 24.86 -2.38 8.06
N GLN A 36 25.60 -3.02 8.97
CA GLN A 36 27.04 -3.27 8.78
C GLN A 36 27.45 -4.67 8.33
N ASP A 37 26.51 -5.60 8.31
CA ASP A 37 26.79 -6.99 7.91
C ASP A 37 26.01 -7.36 6.64
N VAL A 38 26.71 -7.48 5.52
CA VAL A 38 26.06 -7.88 4.24
C VAL A 38 25.68 -9.37 4.26
N PRO A 39 24.37 -9.69 4.16
CA PRO A 39 24.01 -11.12 4.22
C PRO A 39 24.60 -11.94 3.08
N ASN A 40 24.97 -13.18 3.40
CA ASN A 40 25.44 -14.13 2.43
CA ASN A 40 25.42 -14.11 2.39
C ASN A 40 24.25 -15.00 1.96
N VAL A 41 23.80 -14.77 0.72
CA VAL A 41 22.65 -15.52 0.15
C VAL A 41 23.02 -16.11 -1.20
N ASP A 42 22.35 -17.19 -1.61
CA ASP A 42 22.66 -17.81 -2.90
C ASP A 42 22.22 -16.97 -4.09
N VAL A 43 21.08 -16.29 -3.94
CA VAL A 43 20.53 -15.42 -4.98
C VAL A 43 20.20 -14.07 -4.34
N GLN A 44 20.83 -13.01 -4.83
CA GLN A 44 20.52 -11.65 -4.40
C GLN A 44 20.01 -10.91 -5.63
N MET A 45 18.76 -10.45 -5.62
CA MET A 45 18.12 -10.04 -6.88
C MET A 45 18.79 -8.85 -7.59
N LEU A 46 19.33 -7.90 -6.83
CA LEU A 46 20.06 -6.78 -7.47
C LEU A 46 21.30 -7.30 -8.23
N GLU A 47 22.03 -8.24 -7.61
CA GLU A 47 23.23 -8.82 -8.22
C GLU A 47 22.83 -9.65 -9.43
N LEU A 48 21.75 -10.42 -9.30
CA LEU A 48 21.25 -11.21 -10.43
C LEU A 48 20.92 -10.29 -11.62
N TYR A 49 20.18 -9.21 -11.36
CA TYR A 49 19.86 -8.20 -12.38
C TYR A 49 21.10 -7.63 -13.11
N ASP A 50 22.16 -7.38 -12.34
CA ASP A 50 23.39 -6.82 -12.92
C ASP A 50 24.03 -7.78 -13.93
N ARG A 51 23.97 -9.08 -13.63
CA ARG A 51 24.56 -10.17 -14.45
C ARG A 51 23.73 -10.64 -15.65
N MET A 52 22.41 -10.69 -15.50
CA MET A 52 21.49 -11.20 -16.54
C MET A 52 21.44 -10.38 -17.81
N SER A 53 21.26 -11.02 -18.97
CA SER A 53 21.19 -10.31 -20.25
C SER A 53 19.76 -9.94 -20.75
N PHE A 54 18.76 -10.61 -20.20
CA PHE A 54 17.34 -10.34 -20.52
C PHE A 54 16.99 -10.51 -22.00
N LYS A 55 17.70 -11.38 -22.71
CA LYS A 55 17.38 -11.58 -24.14
C LYS A 55 16.06 -12.30 -24.30
N ASP A 56 15.24 -11.81 -25.22
CA ASP A 56 13.89 -12.34 -25.43
C ASP A 56 13.88 -13.26 -26.66
N ILE A 57 14.41 -14.47 -26.50
CA ILE A 57 14.51 -15.39 -27.62
C ILE A 57 13.38 -16.42 -27.60
N ASP A 58 13.01 -16.90 -28.78
CA ASP A 58 11.99 -17.91 -28.96
C ASP A 58 12.53 -19.26 -28.48
N GLY A 59 11.99 -19.76 -27.38
CA GLY A 59 12.44 -21.00 -26.79
C GLY A 59 11.76 -22.26 -27.31
N GLY A 60 10.87 -22.12 -28.28
CA GLY A 60 10.08 -23.26 -28.78
C GLY A 60 8.68 -23.25 -28.19
N VAL A 61 8.09 -24.43 -27.95
CA VAL A 61 6.75 -24.49 -27.36
C VAL A 61 6.69 -23.77 -26.01
N TRP A 62 7.74 -23.89 -25.21
CA TRP A 62 7.89 -23.01 -24.04
C TRP A 62 8.53 -21.75 -24.56
N LYS A 63 7.69 -20.76 -24.91
CA LYS A 63 8.17 -19.64 -25.72
CA LYS A 63 8.15 -19.61 -25.70
C LYS A 63 9.29 -18.84 -25.03
N GLN A 64 9.23 -18.76 -23.70
CA GLN A 64 10.22 -17.99 -22.94
C GLN A 64 11.22 -18.84 -22.17
N GLY A 65 11.30 -20.14 -22.50
CA GLY A 65 12.22 -21.09 -21.86
C GLY A 65 13.11 -21.80 -22.89
N TRP A 66 13.12 -23.13 -22.82
CA TRP A 66 13.92 -23.97 -23.74
C TRP A 66 13.19 -25.31 -23.80
N ASN A 67 13.63 -26.20 -24.71
CA ASN A 67 13.09 -27.56 -24.85
C ASN A 67 13.60 -28.44 -23.70
N ILE A 68 12.75 -28.68 -22.70
CA ILE A 68 13.16 -29.43 -21.51
C ILE A 68 13.39 -30.90 -21.84
N LYS A 69 14.51 -31.43 -21.37
CA LYS A 69 14.85 -32.85 -21.51
C LYS A 69 14.89 -33.53 -20.14
N TYR A 70 14.49 -34.80 -20.08
CA TYR A 70 14.58 -35.56 -18.83
C TYR A 70 15.06 -37.00 -19.12
N ASP A 71 15.63 -37.63 -18.10
CA ASP A 71 16.03 -39.03 -18.17
C ASP A 71 14.85 -39.90 -17.72
N PRO A 72 14.27 -40.70 -18.64
CA PRO A 72 13.13 -41.55 -18.25
C PRO A 72 13.44 -42.46 -17.06
N LEU A 73 14.71 -42.79 -16.86
CA LEU A 73 15.13 -43.67 -15.77
C LEU A 73 15.22 -43.00 -14.39
N LYS A 74 15.01 -41.68 -14.31
CA LYS A 74 15.07 -40.96 -13.02
C LYS A 74 14.06 -41.47 -11.98
N TYR A 75 12.85 -41.75 -12.45
CA TYR A 75 11.80 -42.30 -11.60
C TYR A 75 11.70 -43.81 -11.87
N ASN A 76 11.51 -44.58 -10.80
CA ASN A 76 11.44 -46.05 -10.86
C ASN A 76 10.61 -46.58 -9.69
N ALA A 77 10.53 -47.91 -9.54
CA ALA A 77 9.71 -48.51 -8.48
C ALA A 77 10.03 -47.97 -7.09
N HIS A 78 11.30 -47.67 -6.84
CA HIS A 78 11.75 -47.23 -5.52
C HIS A 78 11.84 -45.70 -5.39
N HIS A 79 11.50 -45.00 -6.47
CA HIS A 79 11.52 -43.53 -6.48
C HIS A 79 10.48 -43.00 -7.47
N LYS A 80 9.25 -42.82 -7.01
CA LYS A 80 8.15 -42.41 -7.87
C LYS A 80 7.96 -40.89 -7.83
N LEU A 81 7.38 -40.35 -8.90
CA LEU A 81 6.96 -38.93 -8.94
C LEU A 81 5.55 -38.82 -8.35
N LYS A 82 5.42 -38.04 -7.28
CA LYS A 82 4.15 -37.81 -6.62
C LYS A 82 3.56 -36.51 -7.16
N VAL A 83 2.37 -36.58 -7.77
CA VAL A 83 1.76 -35.42 -8.44
C VAL A 83 0.47 -35.00 -7.71
N PHE A 84 0.41 -33.72 -7.29
CA PHE A 84 -0.80 -33.16 -6.66
C PHE A 84 -1.50 -32.18 -7.62
N VAL A 85 -2.69 -32.55 -8.11
CA VAL A 85 -3.50 -31.69 -8.95
C VAL A 85 -4.43 -30.90 -8.02
N VAL A 86 -4.28 -29.57 -8.02
CA VAL A 86 -4.94 -28.72 -7.03
C VAL A 86 -5.99 -27.82 -7.70
N PRO A 87 -7.29 -28.21 -7.61
CA PRO A 87 -8.35 -27.40 -8.23
C PRO A 87 -8.51 -26.04 -7.54
N HIS A 88 -8.71 -25.00 -8.34
CA HIS A 88 -8.83 -23.62 -7.80
C HIS A 88 -9.72 -22.76 -8.71
N SER A 89 -10.11 -21.60 -8.19
CA SER A 89 -10.97 -20.67 -8.91
C SER A 89 -10.57 -19.25 -8.49
N HIS A 90 -10.04 -18.46 -9.43
CA HIS A 90 -9.55 -17.12 -9.10
C HIS A 90 -10.73 -16.13 -9.14
N ASN A 91 -11.09 -15.58 -7.97
CA ASN A 91 -12.29 -14.73 -7.82
C ASN A 91 -11.94 -13.29 -7.41
N ASP A 92 -11.95 -12.38 -8.37
CA ASP A 92 -11.60 -10.97 -8.10
C ASP A 92 -12.71 -10.22 -7.38
N PRO A 93 -12.44 -9.63 -6.19
CA PRO A 93 -13.41 -8.78 -5.48
C PRO A 93 -13.57 -7.39 -6.16
N GLY A 94 -14.07 -7.44 -7.40
CA GLY A 94 -14.15 -6.27 -8.27
C GLY A 94 -13.07 -6.26 -9.34
N TRP A 95 -13.46 -5.97 -10.59
CA TRP A 95 -12.53 -5.77 -11.72
C TRP A 95 -13.35 -5.23 -12.92
N ILE A 96 -13.96 -6.15 -13.69
CA ILE A 96 -14.90 -5.81 -14.78
C ILE A 96 -16.33 -5.63 -14.28
N GLN A 97 -16.64 -6.24 -13.14
CA GLN A 97 -17.92 -6.06 -12.43
C GLN A 97 -17.58 -5.65 -10.99
N THR A 98 -18.55 -5.11 -10.28
CA THR A 98 -18.35 -4.80 -8.86
C THR A 98 -18.31 -6.10 -8.03
N PHE A 99 -17.82 -6.00 -6.79
CA PHE A 99 -17.92 -7.10 -5.84
C PHE A 99 -19.31 -7.74 -5.80
N GLU A 100 -20.35 -6.93 -5.62
CA GLU A 100 -21.69 -7.49 -5.48
C GLU A 100 -22.20 -8.12 -6.79
N GLU A 101 -21.88 -7.49 -7.93
CA GLU A 101 -22.26 -8.05 -9.24
C GLU A 101 -21.63 -9.42 -9.47
N TYR A 102 -20.32 -9.54 -9.23
CA TYR A 102 -19.67 -10.85 -9.36
C TYR A 102 -20.26 -11.86 -8.36
N TYR A 103 -20.53 -11.42 -7.12
CA TYR A 103 -21.09 -12.33 -6.13
C TYR A 103 -22.40 -12.94 -6.63
N GLN A 104 -23.28 -12.08 -7.15
CA GLN A 104 -24.60 -12.52 -7.62
C GLN A 104 -24.52 -13.36 -8.87
N HIS A 105 -23.63 -12.98 -9.80
CA HIS A 105 -23.60 -13.64 -11.13
C HIS A 105 -22.73 -14.90 -11.15
N ASP A 106 -21.69 -14.94 -10.32
CA ASP A 106 -20.66 -15.99 -10.40
C ASP A 106 -20.34 -16.66 -9.07
N THR A 107 -19.83 -15.89 -8.11
CA THR A 107 -19.21 -16.47 -6.92
C THR A 107 -20.18 -17.26 -6.05
N LYS A 108 -21.42 -16.79 -5.90
CA LYS A 108 -22.33 -17.54 -5.04
C LYS A 108 -22.64 -18.93 -5.62
N HIS A 109 -22.64 -19.02 -6.94
CA HIS A 109 -22.86 -20.31 -7.64
C HIS A 109 -21.64 -21.22 -7.54
N ILE A 110 -20.45 -20.65 -7.67
CA ILE A 110 -19.20 -21.39 -7.50
C ILE A 110 -19.16 -22.04 -6.10
N LEU A 111 -19.42 -21.25 -5.06
CA LEU A 111 -19.37 -21.76 -3.68
C LEU A 111 -20.48 -22.75 -3.36
N SER A 112 -21.69 -22.49 -3.87
CA SER A 112 -22.80 -23.43 -3.67
C SER A 112 -22.50 -24.79 -4.33
N ASN A 113 -21.98 -24.74 -5.55
CA ASN A 113 -21.68 -25.99 -6.24
C ASN A 113 -20.43 -26.68 -5.71
N ALA A 114 -19.46 -25.90 -5.18
CA ALA A 114 -18.33 -26.53 -4.50
C ALA A 114 -18.80 -27.30 -3.28
N LEU A 115 -19.71 -26.70 -2.51
CA LEU A 115 -20.23 -27.38 -1.33
C LEU A 115 -20.90 -28.71 -1.72
N ARG A 116 -21.75 -28.69 -2.74
CA ARG A 116 -22.46 -29.90 -3.18
C ARG A 116 -21.47 -30.95 -3.72
N HIS A 117 -20.58 -30.53 -4.62
CA HIS A 117 -19.70 -31.49 -5.27
C HIS A 117 -18.65 -32.09 -4.36
N LEU A 118 -18.08 -31.30 -3.46
CA LEU A 118 -17.13 -31.84 -2.48
C LEU A 118 -17.85 -32.77 -1.49
N HIS A 119 -19.04 -32.37 -1.01
CA HIS A 119 -19.82 -33.25 -0.13
C HIS A 119 -20.03 -34.63 -0.78
N ASP A 120 -20.43 -34.64 -2.06
CA ASP A 120 -20.80 -35.88 -2.76
C ASP A 120 -19.61 -36.71 -3.29
N ASN A 121 -18.41 -36.12 -3.34
CA ASN A 121 -17.23 -36.77 -3.94
C ASN A 121 -16.04 -36.65 -2.99
N PRO A 122 -15.93 -37.58 -2.03
CA PRO A 122 -14.96 -37.43 -0.92
C PRO A 122 -13.48 -37.25 -1.29
N GLU A 123 -13.06 -37.70 -2.48
CA GLU A 123 -11.66 -37.55 -2.92
C GLU A 123 -11.38 -36.24 -3.65
N MET A 124 -12.43 -35.50 -4.04
CA MET A 124 -12.25 -34.21 -4.70
C MET A 124 -11.77 -33.16 -3.69
N LYS A 125 -10.96 -32.21 -4.17
CA LYS A 125 -10.35 -31.16 -3.33
C LYS A 125 -10.54 -29.81 -3.99
N PHE A 126 -10.39 -28.73 -3.22
CA PHE A 126 -10.54 -27.35 -3.76
C PHE A 126 -9.85 -26.39 -2.80
N ILE A 127 -9.17 -25.37 -3.33
CA ILE A 127 -8.61 -24.30 -2.47
C ILE A 127 -9.35 -22.98 -2.69
N TRP A 128 -9.40 -22.16 -1.63
CA TRP A 128 -10.11 -20.86 -1.66
C TRP A 128 -9.25 -19.78 -1.00
N ALA A 129 -9.14 -18.63 -1.68
CA ALA A 129 -8.27 -17.52 -1.21
C ALA A 129 -9.00 -16.29 -0.63
N GLU A 130 -10.10 -15.88 -1.24
CA GLU A 130 -10.68 -14.52 -0.97
C GLU A 130 -11.77 -14.60 0.11
N ILE A 131 -11.43 -14.21 1.33
CA ILE A 131 -12.38 -14.38 2.44
C ILE A 131 -13.52 -13.36 2.40
N SER A 132 -13.32 -12.21 1.75
CA SER A 132 -14.44 -11.27 1.55
C SER A 132 -15.66 -11.97 0.91
N TYR A 133 -15.40 -12.74 -0.15
CA TYR A 133 -16.48 -13.51 -0.80
C TYR A 133 -17.00 -14.65 0.08
N PHE A 134 -16.08 -15.38 0.72
CA PHE A 134 -16.49 -16.54 1.51
C PHE A 134 -17.41 -16.13 2.68
N ALA A 135 -17.05 -15.04 3.38
CA ALA A 135 -17.86 -14.51 4.47
C ALA A 135 -19.24 -14.04 3.95
N ARG A 136 -19.27 -13.38 2.78
CA ARG A 136 -20.53 -12.92 2.14
C ARG A 136 -21.47 -14.12 1.88
N PHE A 137 -20.88 -15.24 1.46
CA PHE A 137 -21.63 -16.46 1.14
C PHE A 137 -22.10 -17.17 2.40
N TYR A 138 -21.17 -17.43 3.32
CA TYR A 138 -21.43 -18.24 4.51
C TYR A 138 -22.54 -17.64 5.37
N HIS A 139 -22.54 -16.32 5.52
CA HIS A 139 -23.57 -15.68 6.34
C HIS A 139 -24.98 -15.77 5.73
N ASP A 140 -25.08 -16.04 4.42
CA ASP A 140 -26.39 -16.22 3.77
C ASP A 140 -26.88 -17.68 3.74
N LEU A 141 -26.03 -18.60 4.19
CA LEU A 141 -26.37 -20.04 4.25
C LEU A 141 -27.27 -20.39 5.41
N GLY A 142 -28.21 -21.31 5.17
CA GLY A 142 -28.96 -21.91 6.27
C GLY A 142 -28.06 -22.77 7.13
N GLU A 143 -28.50 -23.04 8.36
CA GLU A 143 -27.70 -23.77 9.34
C GLU A 143 -27.28 -25.17 8.87
N ASN A 144 -28.18 -25.90 8.22
CA ASN A 144 -27.84 -27.22 7.69
C ASN A 144 -26.62 -27.15 6.75
N LYS A 145 -26.64 -26.20 5.82
CA LYS A 145 -25.53 -26.02 4.88
C LYS A 145 -24.25 -25.46 5.56
N LYS A 146 -24.39 -24.57 6.55
CA LYS A 146 -23.24 -24.12 7.35
C LYS A 146 -22.51 -25.32 7.93
N LEU A 147 -23.27 -26.26 8.50
CA LEU A 147 -22.68 -27.46 9.09
C LEU A 147 -21.99 -28.35 8.05
N GLN A 148 -22.61 -28.52 6.89
CA GLN A 148 -21.97 -29.27 5.80
C GLN A 148 -20.66 -28.60 5.38
N MET A 149 -20.66 -27.28 5.34
CA MET A 149 -19.46 -26.51 4.94
C MET A 149 -18.33 -26.70 5.97
N LYS A 150 -18.65 -26.55 7.25
CA LYS A 150 -17.66 -26.78 8.30
C LYS A 150 -17.06 -28.19 8.21
N SER A 151 -17.87 -29.18 7.83
CA SER A 151 -17.40 -30.57 7.75
C SER A 151 -16.39 -30.80 6.60
N ILE A 152 -16.64 -30.22 5.43
CA ILE A 152 -15.68 -30.35 4.31
C ILE A 152 -14.37 -29.56 4.53
N VAL A 153 -14.40 -28.56 5.42
CA VAL A 153 -13.18 -27.85 5.82
C VAL A 153 -12.45 -28.68 6.86
N LYS A 154 -13.19 -29.17 7.86
CA LYS A 154 -12.56 -29.94 8.93
C LYS A 154 -11.88 -31.22 8.41
N ASN A 155 -12.48 -31.86 7.39
CA ASN A 155 -11.94 -33.09 6.81
C ASN A 155 -10.88 -32.87 5.71
N GLY A 156 -10.56 -31.60 5.42
CA GLY A 156 -9.46 -31.29 4.49
C GLY A 156 -9.79 -31.25 3.02
N GLN A 157 -11.07 -31.36 2.63
CA GLN A 157 -11.44 -31.29 1.21
C GLN A 157 -11.39 -29.86 0.65
N LEU A 158 -11.95 -28.91 1.41
CA LEU A 158 -11.89 -27.48 1.08
C LEU A 158 -10.83 -26.85 1.99
N GLU A 159 -9.81 -26.24 1.40
CA GLU A 159 -8.71 -25.64 2.17
C GLU A 159 -8.55 -24.17 1.82
N PHE A 160 -8.47 -23.35 2.87
CA PHE A 160 -8.20 -21.92 2.71
C PHE A 160 -6.70 -21.69 2.53
N VAL A 161 -6.37 -20.86 1.56
CA VAL A 161 -5.00 -20.49 1.26
C VAL A 161 -4.88 -18.97 1.48
N THR A 162 -3.83 -18.58 2.21
CA THR A 162 -3.62 -17.21 2.73
C THR A 162 -4.67 -16.83 3.78
N GLY A 163 -5.93 -16.76 3.36
CA GLY A 163 -7.00 -16.40 4.27
C GLY A 163 -7.17 -14.91 4.51
N GLY A 164 -6.58 -14.07 3.63
CA GLY A 164 -6.84 -12.64 3.67
C GLY A 164 -8.22 -12.26 3.14
N TRP A 165 -8.67 -11.05 3.46
CA TRP A 165 -9.92 -10.55 2.90
C TRP A 165 -9.84 -10.58 1.36
N VAL A 166 -8.66 -10.28 0.82
CA VAL A 166 -8.39 -10.24 -0.62
C VAL A 166 -7.03 -10.89 -0.91
N MET A 167 -6.66 -10.92 -2.18
CA MET A 167 -5.30 -11.25 -2.64
C MET A 167 -4.70 -9.88 -3.03
N PRO A 168 -3.94 -9.25 -2.12
CA PRO A 168 -3.64 -7.83 -2.35
C PRO A 168 -2.59 -7.52 -3.40
N ASP A 169 -2.69 -6.32 -3.98
CA ASP A 169 -1.54 -5.70 -4.66
C ASP A 169 -0.33 -5.72 -3.71
N GLU A 170 0.87 -5.87 -4.28
CA GLU A 170 2.11 -5.85 -3.48
C GLU A 170 2.97 -4.61 -3.75
N ALA A 171 2.61 -3.79 -4.75
CA ALA A 171 3.42 -2.64 -5.15
C ALA A 171 3.01 -1.35 -4.44
N ASN A 172 1.71 -1.04 -4.46
CA ASN A 172 1.22 0.26 -3.97
C ASN A 172 0.75 0.20 -2.53
N SER A 173 0.47 -1.01 -2.06
CA SER A 173 -0.14 -1.20 -0.72
C SER A 173 0.84 -0.85 0.40
N HIS A 174 0.33 -0.19 1.44
CA HIS A 174 1.14 0.03 2.63
C HIS A 174 1.15 -1.27 3.47
N TRP A 175 2.28 -1.60 4.10
CA TRP A 175 2.36 -2.82 4.93
C TRP A 175 1.28 -2.84 6.01
N ARG A 176 0.93 -1.68 6.56
CA ARG A 176 -0.11 -1.63 7.59
C ARG A 176 -1.47 -2.14 7.07
N ASN A 177 -1.78 -1.82 5.81
CA ASN A 177 -3.04 -2.29 5.21
C ASN A 177 -2.98 -3.74 4.71
N VAL A 178 -1.81 -4.20 4.32
CA VAL A 178 -1.63 -5.62 4.01
C VAL A 178 -1.92 -6.43 5.30
N LEU A 179 -1.38 -5.97 6.43
CA LEU A 179 -1.65 -6.66 7.69
C LEU A 179 -3.13 -6.54 8.07
N LEU A 180 -3.73 -5.37 7.87
CA LEU A 180 -5.15 -5.15 8.21
C LEU A 180 -6.04 -6.19 7.48
N GLN A 181 -5.84 -6.34 6.18
CA GLN A 181 -6.72 -7.20 5.38
C GLN A 181 -6.45 -8.68 5.69
N LEU A 182 -5.18 -9.01 5.97
CA LEU A 182 -4.84 -10.39 6.39
C LEU A 182 -5.58 -10.71 7.70
N THR A 183 -5.51 -9.78 8.64
CA THR A 183 -6.13 -9.96 9.95
C THR A 183 -7.66 -10.08 9.83
N GLU A 184 -8.26 -9.28 8.94
CA GLU A 184 -9.73 -9.29 8.79
C GLU A 184 -10.17 -10.69 8.31
N GLY A 185 -9.51 -11.23 7.29
CA GLY A 185 -9.86 -12.56 6.80
C GLY A 185 -9.57 -13.67 7.80
N GLN A 186 -8.40 -13.62 8.43
CA GLN A 186 -8.01 -14.72 9.34
C GLN A 186 -8.84 -14.71 10.63
N THR A 187 -9.18 -13.53 11.12
CA THR A 187 -10.03 -13.46 12.31
C THR A 187 -11.40 -14.10 12.04
N TRP A 188 -11.97 -13.81 10.86
CA TRP A 188 -13.23 -14.42 10.42
C TRP A 188 -13.09 -15.96 10.35
N LEU A 189 -12.02 -16.43 9.72
CA LEU A 189 -11.80 -17.88 9.59
C LEU A 189 -11.65 -18.58 10.94
N LYS A 190 -10.93 -17.95 11.87
CA LYS A 190 -10.78 -18.58 13.18
C LYS A 190 -12.15 -18.70 13.88
N GLN A 191 -12.92 -17.62 13.85
CA GLN A 191 -14.21 -17.59 14.54
C GLN A 191 -15.21 -18.58 13.95
N PHE A 192 -15.32 -18.63 12.63
CA PHE A 192 -16.40 -19.40 11.98
C PHE A 192 -16.00 -20.77 11.45
N MET A 193 -14.75 -20.92 11.02
CA MET A 193 -14.28 -22.16 10.41
C MET A 193 -13.26 -22.91 11.28
N ASN A 194 -12.82 -22.29 12.38
CA ASN A 194 -11.80 -22.87 13.28
C ASN A 194 -10.51 -23.31 12.58
N VAL A 195 -10.02 -22.50 11.63
CA VAL A 195 -8.75 -22.79 10.96
C VAL A 195 -7.97 -21.49 10.75
N THR A 196 -6.65 -21.64 10.69
CA THR A 196 -5.72 -20.53 10.40
C THR A 196 -4.70 -21.03 9.36
N PRO A 197 -4.83 -20.58 8.08
CA PRO A 197 -3.90 -21.03 7.04
C PRO A 197 -2.44 -20.71 7.38
N THR A 198 -1.56 -21.64 6.99
CA THR A 198 -0.11 -21.42 7.11
C THR A 198 0.61 -21.45 5.74
N ALA A 199 -0.16 -21.57 4.66
CA ALA A 199 0.37 -21.52 3.28
C ALA A 199 -0.35 -20.38 2.57
N SER A 200 0.42 -19.57 1.84
CA SER A 200 -0.11 -18.44 1.08
C SER A 200 -0.08 -18.71 -0.43
N TRP A 201 -1.08 -18.13 -1.14
CA TRP A 201 -1.28 -18.31 -2.59
C TRP A 201 -1.50 -16.94 -3.22
N ALA A 202 -0.55 -16.51 -4.05
CA ALA A 202 -0.62 -15.19 -4.72
C ALA A 202 -0.30 -15.33 -6.21
N ILE A 203 -1.33 -15.62 -7.01
CA ILE A 203 -1.15 -15.97 -8.42
C ILE A 203 -1.34 -14.82 -9.41
N ASP A 204 -1.94 -13.70 -8.98
CA ASP A 204 -2.23 -12.59 -9.91
C ASP A 204 -1.63 -11.19 -9.62
N PRO A 205 -1.14 -10.87 -8.38
CA PRO A 205 -0.56 -9.50 -8.24
C PRO A 205 0.61 -9.25 -9.22
N PHE A 206 0.80 -7.99 -9.62
CA PHE A 206 1.63 -7.71 -10.82
C PHE A 206 3.11 -7.45 -10.41
N GLY A 207 3.79 -8.54 -10.04
CA GLY A 207 5.07 -8.45 -9.34
C GLY A 207 4.91 -8.68 -7.85
N HIS A 208 6.01 -9.00 -7.17
CA HIS A 208 5.97 -9.48 -5.78
C HIS A 208 7.00 -8.79 -4.86
N SER A 209 6.58 -8.52 -3.63
CA SER A 209 7.36 -7.79 -2.63
C SER A 209 7.77 -8.67 -1.46
N PRO A 210 9.01 -8.48 -0.93
CA PRO A 210 9.43 -9.20 0.29
C PRO A 210 8.67 -8.77 1.54
N THR A 211 7.88 -7.68 1.46
CA THR A 211 7.01 -7.34 2.59
C THR A 211 6.03 -8.48 2.89
N MET A 212 5.63 -9.26 1.88
CA MET A 212 4.71 -10.37 2.12
CA MET A 212 4.71 -10.36 2.12
C MET A 212 5.31 -11.47 3.03
N PRO A 213 6.47 -12.08 2.65
CA PRO A 213 7.03 -13.05 3.61
C PRO A 213 7.35 -12.43 4.97
N TYR A 214 7.71 -11.14 5.02
CA TYR A 214 7.98 -10.48 6.31
C TYR A 214 6.75 -10.59 7.24
N ILE A 215 5.59 -10.17 6.74
CA ILE A 215 4.35 -10.18 7.51
C ILE A 215 3.90 -11.64 7.76
N LEU A 216 3.93 -12.47 6.71
CA LEU A 216 3.43 -13.85 6.82
C LEU A 216 4.22 -14.66 7.85
N GLN A 217 5.56 -14.56 7.79
CA GLN A 217 6.39 -15.31 8.73
C GLN A 217 6.14 -14.89 10.19
N LYS A 218 5.77 -13.62 10.42
CA LYS A 218 5.42 -13.13 11.77
C LYS A 218 3.94 -13.38 12.15
N SER A 219 3.23 -14.04 11.24
CA SER A 219 1.81 -14.38 11.41
C SER A 219 1.56 -15.91 11.32
N GLY A 220 2.61 -16.70 11.62
CA GLY A 220 2.50 -18.16 11.72
C GLY A 220 2.71 -18.95 10.44
N PHE A 221 2.93 -18.27 9.32
CA PHE A 221 3.05 -19.00 8.04
C PHE A 221 4.35 -19.79 7.94
N LYS A 222 4.25 -20.87 7.16
CA LYS A 222 5.39 -21.75 6.89
C LYS A 222 5.77 -21.81 5.41
N ASN A 223 4.85 -21.42 4.50
CA ASN A 223 5.09 -21.55 3.06
C ASN A 223 4.32 -20.50 2.29
N MET A 224 4.85 -20.13 1.11
CA MET A 224 4.12 -19.22 0.21
C MET A 224 4.40 -19.54 -1.26
N LEU A 225 3.44 -19.16 -2.10
CA LEU A 225 3.54 -19.38 -3.55
C LEU A 225 3.31 -18.05 -4.28
N ILE A 226 4.13 -17.80 -5.29
CA ILE A 226 4.04 -16.61 -6.16
C ILE A 226 4.08 -17.01 -7.64
N GLN A 227 3.59 -16.11 -8.52
CA GLN A 227 3.52 -16.39 -9.96
C GLN A 227 4.07 -15.28 -10.88
N ARG A 228 3.70 -14.02 -10.67
CA ARG A 228 4.02 -13.00 -11.68
C ARG A 228 5.38 -12.39 -11.41
N THR A 229 6.40 -13.05 -11.97
CA THR A 229 7.76 -12.55 -11.98
C THR A 229 8.23 -12.48 -13.44
N HIS A 230 9.17 -11.59 -13.71
CA HIS A 230 9.67 -11.32 -15.07
C HIS A 230 10.02 -12.63 -15.77
N TYR A 231 9.61 -12.78 -17.03
CA TYR A 231 9.90 -14.01 -17.75
C TYR A 231 11.39 -14.37 -17.79
N SER A 232 12.28 -13.37 -17.80
CA SER A 232 13.72 -13.66 -17.81
C SER A 232 14.19 -14.21 -16.48
N VAL A 233 13.58 -13.75 -15.38
CA VAL A 233 13.84 -14.29 -14.05
C VAL A 233 13.40 -15.76 -13.94
N LYS A 234 12.19 -16.07 -14.41
CA LYS A 234 11.74 -17.48 -14.46
C LYS A 234 12.75 -18.38 -15.18
N LYS A 235 13.20 -17.94 -16.35
CA LYS A 235 14.15 -18.75 -17.14
C LYS A 235 15.46 -18.98 -16.38
N GLU A 236 16.01 -17.92 -15.80
CA GLU A 236 17.30 -17.98 -15.10
C GLU A 236 17.20 -18.90 -13.88
N LEU A 237 16.17 -18.70 -13.05
CA LEU A 237 16.03 -19.52 -11.85
C LEU A 237 15.67 -20.96 -12.21
N ALA A 238 14.86 -21.17 -13.25
CA ALA A 238 14.54 -22.55 -13.67
C ALA A 238 15.80 -23.34 -14.09
N GLN A 239 16.71 -22.68 -14.80
CA GLN A 239 17.95 -23.35 -15.25
C GLN A 239 18.79 -23.85 -14.08
N GLN A 240 18.71 -23.18 -12.93
CA GLN A 240 19.50 -23.50 -11.75
C GLN A 240 18.69 -24.27 -10.72
N ARG A 241 17.44 -24.64 -11.05
CA ARG A 241 16.48 -25.20 -10.07
C ARG A 241 16.44 -24.36 -8.79
N GLN A 242 16.28 -23.05 -8.97
CA GLN A 242 16.15 -22.09 -7.86
C GLN A 242 14.75 -21.46 -7.81
N LEU A 243 13.74 -22.20 -8.29
CA LEU A 243 12.36 -21.70 -8.24
C LEU A 243 11.71 -21.90 -6.87
N GLU A 244 12.29 -22.78 -6.03
CA GLU A 244 11.91 -22.90 -4.62
C GLU A 244 13.10 -22.43 -3.79
N PHE A 245 12.84 -21.51 -2.85
CA PHE A 245 13.93 -20.85 -2.12
C PHE A 245 13.45 -20.36 -0.75
N LEU A 246 14.40 -20.15 0.16
CA LEU A 246 14.13 -19.57 1.47
C LEU A 246 14.28 -18.05 1.34
N TRP A 247 13.16 -17.36 1.28
CA TRP A 247 13.15 -15.91 1.00
C TRP A 247 13.31 -15.15 2.32
N ARG A 248 14.48 -14.51 2.51
CA ARG A 248 14.75 -13.69 3.71
C ARG A 248 14.79 -12.19 3.34
N GLN A 249 14.68 -11.34 4.36
CA GLN A 249 14.79 -9.89 4.13
C GLN A 249 16.21 -9.47 3.73
N ILE A 250 16.31 -8.36 2.98
CA ILE A 250 17.59 -7.92 2.41
C ILE A 250 18.66 -7.60 3.46
N TRP A 251 18.25 -7.25 4.67
CA TRP A 251 19.18 -6.89 5.76
C TRP A 251 19.45 -8.04 6.73
N ASP A 252 18.81 -9.18 6.52
CA ASP A 252 18.81 -10.25 7.52
C ASP A 252 20.02 -11.17 7.40
N ASN A 253 21.02 -10.95 8.27
CA ASN A 253 22.24 -11.73 8.21
C ASN A 253 22.07 -13.17 8.69
N LYS A 254 21.28 -13.37 9.73
CA LYS A 254 21.13 -14.70 10.36
C LYS A 254 20.15 -15.61 9.60
N GLY A 255 19.10 -15.02 9.03
CA GLY A 255 18.06 -15.80 8.33
C GLY A 255 16.78 -16.10 9.11
N ASP A 256 16.59 -15.45 10.27
CA ASP A 256 15.39 -15.66 11.09
CA ASP A 256 15.39 -15.62 11.10
C ASP A 256 14.08 -15.24 10.39
N THR A 257 14.18 -14.36 9.40
CA THR A 257 12.98 -13.94 8.67
C THR A 257 12.57 -14.88 7.52
N ALA A 258 13.39 -15.90 7.22
CA ALA A 258 13.20 -16.71 6.00
C ALA A 258 11.85 -17.41 5.95
N LEU A 259 11.25 -17.43 4.76
CA LEU A 259 10.00 -18.17 4.51
C LEU A 259 10.16 -18.97 3.23
N PHE A 260 9.87 -20.28 3.28
CA PHE A 260 9.92 -21.11 2.07
C PHE A 260 8.94 -20.61 1.01
N THR A 261 9.45 -20.40 -0.20
CA THR A 261 8.70 -19.82 -1.30
C THR A 261 8.81 -20.69 -2.55
N HIS A 262 7.64 -20.93 -3.18
CA HIS A 262 7.55 -21.61 -4.48
C HIS A 262 7.13 -20.60 -5.56
N MET A 263 8.01 -20.38 -6.53
CA MET A 263 7.69 -19.60 -7.73
C MET A 263 7.25 -20.54 -8.87
N MET A 264 6.06 -20.30 -9.41
N MET A 264 6.06 -20.31 -9.42
CA MET A 264 5.57 -21.01 -10.59
CA MET A 264 5.59 -21.10 -10.57
C MET A 264 6.46 -20.67 -11.80
C MET A 264 6.38 -20.67 -11.82
N PRO A 265 6.64 -21.64 -12.73
CA PRO A 265 7.64 -21.42 -13.80
C PRO A 265 7.22 -20.77 -15.10
N PHE A 266 5.91 -20.74 -15.37
CA PHE A 266 5.39 -20.45 -16.71
C PHE A 266 4.62 -19.11 -16.79
N TYR A 267 4.07 -18.81 -17.97
CA TYR A 267 3.57 -17.47 -18.29
C TYR A 267 2.29 -17.09 -17.52
N SER A 268 1.47 -18.08 -17.17
CA SER A 268 0.14 -17.84 -16.56
C SER A 268 -0.18 -18.91 -15.51
N TYR A 269 -1.21 -18.63 -14.69
CA TYR A 269 -1.80 -19.61 -13.77
C TYR A 269 -2.91 -20.45 -14.40
N ASP A 270 -3.25 -20.19 -15.66
CA ASP A 270 -4.33 -20.95 -16.32
C ASP A 270 -3.91 -22.38 -16.65
N ILE A 271 -4.88 -23.22 -17.02
CA ILE A 271 -4.56 -24.63 -17.25
C ILE A 271 -3.51 -24.87 -18.37
N PRO A 272 -3.62 -24.14 -19.51
CA PRO A 272 -2.58 -24.28 -20.54
C PRO A 272 -1.15 -24.02 -20.06
N HIS A 273 -0.97 -23.21 -19.01
CA HIS A 273 0.39 -22.87 -18.53
C HIS A 273 0.71 -23.45 -17.16
N THR A 274 0.00 -24.51 -16.76
CA THR A 274 0.27 -25.13 -15.45
C THR A 274 0.51 -26.65 -15.49
N CYS A 275 0.23 -27.34 -16.61
CA CYS A 275 0.50 -28.79 -16.63
C CYS A 275 1.95 -29.13 -16.99
N GLY A 276 2.62 -28.20 -17.65
CA GLY A 276 3.92 -28.42 -18.28
C GLY A 276 4.25 -27.32 -19.26
N PRO A 277 5.40 -27.45 -19.96
CA PRO A 277 5.93 -26.38 -20.79
C PRO A 277 5.21 -26.10 -22.12
N ASP A 278 4.38 -27.05 -22.61
CA ASP A 278 3.76 -26.89 -23.95
C ASP A 278 2.26 -26.59 -23.81
N PRO A 279 1.86 -25.31 -23.99
CA PRO A 279 0.45 -24.99 -23.79
C PRO A 279 -0.50 -25.63 -24.81
N LYS A 280 0.00 -25.99 -26.01
CA LYS A 280 -0.82 -26.66 -27.01
C LYS A 280 -1.26 -28.04 -26.49
N VAL A 281 -0.40 -28.66 -25.69
CA VAL A 281 -0.72 -29.94 -25.03
C VAL A 281 -1.58 -29.74 -23.77
N CYS A 282 -1.16 -28.86 -22.87
CA CYS A 282 -1.87 -28.65 -21.62
C CYS A 282 -3.32 -28.19 -21.84
N CYS A 283 -3.56 -27.39 -22.88
CA CYS A 283 -4.91 -26.91 -23.17
C CYS A 283 -5.89 -28.06 -23.40
N GLN A 284 -5.37 -29.19 -23.90
CA GLN A 284 -6.18 -30.41 -24.14
C GLN A 284 -6.63 -31.09 -22.85
N PHE A 285 -6.11 -30.62 -21.72
CA PHE A 285 -6.48 -31.17 -20.41
C PHE A 285 -7.27 -30.17 -19.55
N ASP A 286 -7.80 -29.15 -20.23
CA ASP A 286 -8.80 -28.25 -19.64
C ASP A 286 -10.15 -28.66 -20.23
N PHE A 287 -10.88 -29.50 -19.50
CA PHE A 287 -12.06 -30.14 -20.08
C PHE A 287 -13.27 -29.22 -20.22
N LYS A 288 -13.13 -27.95 -19.78
CA LYS A 288 -14.15 -26.92 -20.04
C LYS A 288 -14.07 -26.34 -21.48
N ARG A 289 -13.06 -26.75 -22.27
CA ARG A 289 -12.80 -26.12 -23.59
C ARG A 289 -13.26 -26.93 -24.84
N MET A 290 -14.25 -27.82 -24.68
CA MET A 290 -14.69 -28.65 -25.83
C MET A 290 -15.78 -28.00 -26.70
N GLY A 291 -16.40 -26.93 -26.20
CA GLY A 291 -17.32 -26.13 -27.02
C GLY A 291 -18.59 -25.63 -26.33
N SER A 292 -19.25 -26.50 -25.57
CA SER A 292 -20.56 -26.19 -24.98
C SER A 292 -20.54 -25.08 -23.92
N PHE A 293 -19.36 -24.82 -23.37
CA PHE A 293 -19.16 -23.74 -22.40
C PHE A 293 -18.72 -22.42 -23.05
N GLY A 294 -18.61 -22.40 -24.38
CA GLY A 294 -18.18 -21.18 -25.08
C GLY A 294 -16.70 -20.88 -24.97
N LEU A 295 -15.90 -21.90 -24.69
CA LEU A 295 -14.45 -21.75 -24.57
C LEU A 295 -13.78 -22.69 -25.57
N SER A 296 -12.58 -22.32 -25.99
CA SER A 296 -11.80 -23.12 -26.95
C SER A 296 -10.30 -22.97 -26.67
N CYS A 297 -9.49 -23.74 -27.41
CA CYS A 297 -8.02 -23.70 -27.28
C CYS A 297 -7.42 -22.89 -28.45
N PRO A 298 -6.75 -21.76 -28.15
CA PRO A 298 -6.16 -20.96 -29.25
C PRO A 298 -5.07 -21.67 -30.05
N TRP A 299 -4.51 -22.74 -29.51
CA TRP A 299 -3.47 -23.55 -30.21
C TRP A 299 -4.12 -24.53 -31.19
N LYS A 300 -5.45 -24.52 -31.23
CA LYS A 300 -6.23 -25.18 -32.29
C LYS A 300 -6.35 -26.71 -32.19
N VAL A 301 -5.98 -27.28 -31.04
CA VAL A 301 -6.25 -28.69 -30.76
C VAL A 301 -7.16 -28.74 -29.51
N PRO A 302 -8.39 -29.28 -29.65
CA PRO A 302 -9.31 -29.27 -28.51
C PRO A 302 -9.07 -30.41 -27.51
N PRO A 303 -9.62 -30.29 -26.29
CA PRO A 303 -9.62 -31.46 -25.41
C PRO A 303 -10.54 -32.53 -26.00
N ARG A 304 -10.28 -33.80 -25.67
CA ARG A 304 -11.19 -34.90 -25.98
C ARG A 304 -11.52 -35.67 -24.72
N THR A 305 -12.78 -36.06 -24.59
CA THR A 305 -13.23 -36.87 -23.49
C THR A 305 -12.35 -38.12 -23.36
N ILE A 306 -11.91 -38.42 -22.13
CA ILE A 306 -11.07 -39.59 -21.87
C ILE A 306 -11.95 -40.84 -21.90
N SER A 307 -11.49 -41.84 -22.66
CA SER A 307 -12.18 -43.12 -22.83
C SER A 307 -11.18 -44.25 -22.64
N ASP A 308 -11.68 -45.48 -22.54
CA ASP A 308 -10.75 -46.63 -22.50
C ASP A 308 -9.87 -46.75 -23.75
N GLN A 309 -10.35 -46.25 -24.91
CA GLN A 309 -9.61 -46.36 -26.19
C GLN A 309 -8.55 -45.26 -26.39
N ASN A 310 -8.66 -44.18 -25.62
CA ASN A 310 -7.66 -43.14 -25.77
C ASN A 310 -6.83 -42.88 -24.50
N VAL A 311 -7.16 -43.53 -23.38
CA VAL A 311 -6.54 -43.10 -22.10
C VAL A 311 -5.02 -43.36 -22.10
N ALA A 312 -4.57 -44.44 -22.74
CA ALA A 312 -3.10 -44.67 -22.80
C ALA A 312 -2.35 -43.57 -23.55
N ALA A 313 -2.84 -43.17 -24.72
CA ALA A 313 -2.20 -42.12 -25.51
C ALA A 313 -2.29 -40.77 -24.77
N ARG A 314 -3.46 -40.47 -24.19
CA ARG A 314 -3.66 -39.21 -23.46
C ARG A 314 -2.74 -39.17 -22.23
N SER A 315 -2.66 -40.27 -21.49
CA SER A 315 -1.74 -40.37 -20.35
C SER A 315 -0.28 -40.20 -20.75
N ASP A 316 0.13 -40.81 -21.86
CA ASP A 316 1.49 -40.65 -22.43
CA ASP A 316 1.48 -40.62 -22.33
C ASP A 316 1.83 -39.16 -22.53
N LEU A 317 0.93 -38.42 -23.15
CA LEU A 317 1.14 -37.00 -23.40
C LEU A 317 1.22 -36.20 -22.10
N LEU A 318 0.29 -36.50 -21.18
CA LEU A 318 0.17 -35.72 -19.92
C LEU A 318 1.38 -35.99 -19.00
N VAL A 319 1.72 -37.27 -18.82
CA VAL A 319 2.86 -37.62 -17.95
C VAL A 319 4.17 -37.01 -18.47
N ASP A 320 4.35 -36.98 -19.80
CA ASP A 320 5.52 -36.33 -20.42
C ASP A 320 5.59 -34.85 -20.05
N GLN A 321 4.47 -34.13 -20.13
CA GLN A 321 4.44 -32.73 -19.64
C GLN A 321 4.82 -32.62 -18.16
N TRP A 322 4.24 -33.49 -17.32
CA TRP A 322 4.53 -33.47 -15.88
C TRP A 322 6.01 -33.73 -15.59
N LYS A 323 6.60 -34.69 -16.29
CA LYS A 323 8.02 -35.02 -16.03
C LYS A 323 8.94 -33.89 -16.49
N LYS A 324 8.56 -33.18 -17.55
CA LYS A 324 9.30 -31.98 -17.96
C LYS A 324 9.22 -30.87 -16.91
N LYS A 325 8.02 -30.57 -16.43
CA LYS A 325 7.85 -29.59 -15.35
C LYS A 325 8.70 -30.00 -14.12
N ALA A 326 8.68 -31.29 -13.79
CA ALA A 326 9.40 -31.79 -12.61
C ALA A 326 10.93 -31.57 -12.71
N GLU A 327 11.44 -31.50 -13.94
CA GLU A 327 12.87 -31.25 -14.14
C GLU A 327 13.34 -29.89 -13.59
N LEU A 328 12.40 -28.95 -13.45
CA LEU A 328 12.71 -27.59 -12.98
C LEU A 328 12.81 -27.46 -11.47
N TYR A 329 12.52 -28.55 -10.73
CA TYR A 329 12.44 -28.52 -9.26
C TYR A 329 13.27 -29.64 -8.65
N ARG A 330 13.51 -29.57 -7.33
CA ARG A 330 14.50 -30.44 -6.68
C ARG A 330 13.95 -31.70 -6.02
N THR A 331 12.64 -31.77 -5.73
CA THR A 331 12.10 -32.96 -5.06
C THR A 331 11.31 -33.85 -6.05
N ASN A 332 10.84 -35.01 -5.57
CA ASN A 332 9.96 -35.89 -6.36
C ASN A 332 8.46 -35.62 -6.10
N VAL A 333 8.13 -34.39 -5.66
CA VAL A 333 6.75 -33.99 -5.38
C VAL A 333 6.42 -32.83 -6.31
N LEU A 334 5.37 -32.95 -7.14
CA LEU A 334 5.07 -31.97 -8.19
C LEU A 334 3.70 -31.29 -7.98
N LEU A 335 3.69 -29.95 -8.06
CA LEU A 335 2.44 -29.17 -7.93
C LEU A 335 1.85 -28.87 -9.31
N ILE A 336 0.59 -29.29 -9.52
CA ILE A 336 -0.12 -28.99 -10.78
C ILE A 336 -1.44 -28.25 -10.45
N PRO A 337 -1.44 -26.90 -10.44
CA PRO A 337 -2.70 -26.17 -10.26
C PRO A 337 -3.70 -26.49 -11.38
N LEU A 338 -5.01 -26.53 -11.06
CA LEU A 338 -6.04 -26.80 -12.07
C LEU A 338 -7.19 -25.78 -11.90
N GLY A 339 -7.09 -24.67 -12.62
CA GLY A 339 -8.08 -23.59 -12.46
C GLY A 339 -7.80 -22.39 -13.34
N ASP A 340 -8.69 -21.39 -13.19
CA ASP A 340 -8.65 -20.16 -13.96
C ASP A 340 -9.70 -19.21 -13.33
N ASP A 341 -9.94 -18.06 -13.97
CA ASP A 341 -10.84 -17.01 -13.43
C ASP A 341 -12.26 -17.52 -13.29
N PHE A 342 -12.82 -17.37 -12.08
CA PHE A 342 -14.22 -17.71 -11.83
C PHE A 342 -14.60 -19.10 -12.37
N ARG A 343 -13.68 -20.04 -12.24
CA ARG A 343 -13.97 -21.44 -12.60
C ARG A 343 -14.78 -22.20 -11.54
N PHE A 344 -15.23 -23.38 -11.94
CA PHE A 344 -16.01 -24.29 -11.09
C PHE A 344 -17.37 -23.70 -10.70
N LYS A 345 -18.04 -23.09 -11.69
CA LYS A 345 -19.32 -22.41 -11.51
C LYS A 345 -20.56 -23.28 -11.69
N GLN A 346 -20.53 -24.09 -12.74
CA GLN A 346 -21.64 -24.97 -13.09
C GLN A 346 -21.40 -26.42 -12.67
N ASN A 347 -22.47 -27.10 -12.28
CA ASN A 347 -22.38 -28.53 -11.95
C ASN A 347 -21.75 -29.37 -13.05
N THR A 348 -22.12 -29.08 -14.31
CA THR A 348 -21.56 -29.81 -15.46
C THR A 348 -20.04 -29.62 -15.59
N GLU A 349 -19.53 -28.45 -15.16
CA GLU A 349 -18.09 -28.18 -15.18
C GLU A 349 -17.35 -29.00 -14.11
N TRP A 350 -17.90 -29.04 -12.89
CA TRP A 350 -17.34 -29.89 -11.84
C TRP A 350 -17.23 -31.33 -12.37
N ASP A 351 -18.31 -31.83 -12.98
CA ASP A 351 -18.32 -33.21 -13.51
C ASP A 351 -17.29 -33.43 -14.60
N VAL A 352 -17.22 -32.52 -15.58
CA VAL A 352 -16.34 -32.73 -16.72
C VAL A 352 -14.86 -32.73 -16.33
N GLN A 353 -14.45 -31.87 -15.38
CA GLN A 353 -13.07 -31.87 -14.91
C GLN A 353 -12.79 -33.10 -14.03
N ARG A 354 -13.66 -33.36 -13.04
CA ARG A 354 -13.42 -34.45 -12.12
C ARG A 354 -13.39 -35.83 -12.81
N VAL A 355 -14.41 -36.13 -13.62
CA VAL A 355 -14.50 -37.49 -14.18
C VAL A 355 -13.33 -37.79 -15.14
N ASN A 356 -12.97 -36.82 -15.98
CA ASN A 356 -11.86 -37.00 -16.90
C ASN A 356 -10.50 -37.17 -16.18
N TYR A 357 -10.24 -36.34 -15.17
CA TYR A 357 -9.02 -36.53 -14.35
C TYR A 357 -9.04 -37.85 -13.58
N GLU A 358 -10.19 -38.24 -13.03
CA GLU A 358 -10.27 -39.55 -12.35
C GLU A 358 -9.88 -40.72 -13.29
N ARG A 359 -10.32 -40.67 -14.56
CA ARG A 359 -9.96 -41.74 -15.52
C ARG A 359 -8.44 -41.73 -15.80
N LEU A 360 -7.86 -40.53 -15.92
CA LEU A 360 -6.43 -40.42 -16.08
C LEU A 360 -5.65 -40.96 -14.88
N PHE A 361 -6.05 -40.59 -13.65
CA PHE A 361 -5.38 -41.09 -12.45
C PHE A 361 -5.46 -42.61 -12.36
N GLU A 362 -6.63 -43.18 -12.67
CA GLU A 362 -6.79 -44.63 -12.53
C GLU A 362 -5.83 -45.37 -13.48
N HIS A 363 -5.72 -44.88 -14.71
CA HIS A 363 -4.77 -45.48 -15.67
C HIS A 363 -3.32 -45.27 -15.24
N ILE A 364 -2.93 -44.03 -14.98
CA ILE A 364 -1.54 -43.70 -14.72
C ILE A 364 -1.04 -44.43 -13.49
N ASN A 365 -1.84 -44.45 -12.42
CA ASN A 365 -1.40 -45.01 -11.15
C ASN A 365 -1.28 -46.55 -11.18
N SER A 366 -1.94 -47.17 -12.17
CA SER A 366 -1.92 -48.62 -12.34
C SER A 366 -0.85 -49.10 -13.35
N GLN A 367 -0.24 -48.17 -14.06
CA GLN A 367 0.79 -48.50 -15.07
C GLN A 367 2.18 -48.25 -14.49
N ALA A 368 2.80 -49.32 -14.00
CA ALA A 368 4.09 -49.20 -13.31
C ALA A 368 5.15 -48.47 -14.11
N HIS A 369 5.14 -48.63 -15.44
CA HIS A 369 6.15 -48.00 -16.31
C HIS A 369 6.23 -46.46 -16.19
N PHE A 370 5.12 -45.81 -15.81
CA PHE A 370 5.14 -44.36 -15.57
C PHE A 370 5.89 -43.97 -14.28
N ASN A 371 5.82 -44.85 -13.28
CA ASN A 371 6.37 -44.55 -11.94
C ASN A 371 5.85 -43.24 -11.36
N VAL A 372 4.53 -43.05 -11.47
CA VAL A 372 3.84 -41.85 -11.01
C VAL A 372 2.68 -42.25 -10.09
N GLN A 373 2.48 -41.49 -9.01
CA GLN A 373 1.26 -41.57 -8.21
C GLN A 373 0.62 -40.17 -8.22
N ALA A 374 -0.52 -40.05 -8.90
CA ALA A 374 -1.22 -38.76 -9.09
C ALA A 374 -2.56 -38.74 -8.37
N GLN A 375 -2.92 -37.57 -7.81
CA GLN A 375 -4.19 -37.43 -7.11
CA GLN A 375 -4.17 -37.43 -7.06
C GLN A 375 -4.56 -35.96 -6.97
N PHE A 376 -5.85 -35.72 -6.73
CA PHE A 376 -6.26 -34.37 -6.30
C PHE A 376 -5.64 -34.06 -4.94
N GLY A 377 -5.20 -32.82 -4.77
CA GLY A 377 -4.60 -32.41 -3.50
C GLY A 377 -4.89 -30.96 -3.19
N THR A 378 -4.45 -30.54 -2.00
CA THR A 378 -4.48 -29.14 -1.62
C THR A 378 -3.07 -28.56 -1.58
N LEU A 379 -3.00 -27.24 -1.39
CA LEU A 379 -1.70 -26.56 -1.35
C LEU A 379 -0.85 -27.01 -0.16
N GLN A 380 -1.47 -27.11 1.03
CA GLN A 380 -0.74 -27.55 2.22
C GLN A 380 -0.21 -28.99 2.04
N GLU A 381 -1.00 -29.85 1.39
CA GLU A 381 -0.56 -31.22 1.17
C GLU A 381 0.71 -31.25 0.31
N TYR A 382 0.77 -30.41 -0.74
CA TYR A 382 1.98 -30.27 -1.55
C TYR A 382 3.18 -29.86 -0.68
N PHE A 383 3.03 -28.75 0.06
CA PHE A 383 4.19 -28.28 0.84
C PHE A 383 4.61 -29.29 1.91
N ASP A 384 3.64 -29.94 2.56
CA ASP A 384 4.00 -30.95 3.58
C ASP A 384 4.87 -32.08 2.95
N ALA A 385 4.48 -32.54 1.75
CA ALA A 385 5.26 -33.57 1.06
C ALA A 385 6.66 -33.10 0.63
N VAL A 386 6.77 -31.84 0.17
CA VAL A 386 8.08 -31.27 -0.18
C VAL A 386 9.03 -31.29 1.03
N HIS A 387 8.53 -30.84 2.18
CA HIS A 387 9.39 -30.79 3.36
C HIS A 387 9.69 -32.18 3.93
N GLN A 388 8.79 -33.15 3.74
CA GLN A 388 9.11 -34.54 4.07
C GLN A 388 10.31 -35.03 3.24
N ALA A 389 10.31 -34.68 1.96
CA ALA A 389 11.41 -35.03 1.05
C ALA A 389 12.72 -34.35 1.49
N GLU A 390 12.63 -33.07 1.86
CA GLU A 390 13.76 -32.31 2.38
C GLU A 390 14.36 -32.95 3.64
N ARG A 391 13.51 -33.27 4.61
CA ARG A 391 13.96 -33.90 5.86
C ARG A 391 14.60 -35.29 5.64
N ALA A 392 14.18 -35.97 4.58
CA ALA A 392 14.77 -37.28 4.21
C ALA A 392 16.13 -37.11 3.51
N GLY A 393 16.56 -35.85 3.35
CA GLY A 393 17.84 -35.55 2.72
C GLY A 393 17.83 -35.63 1.21
N GLN A 394 16.65 -35.55 0.60
CA GLN A 394 16.59 -35.68 -0.84
C GLN A 394 16.84 -34.36 -1.60
N ALA A 395 16.75 -33.23 -0.88
CA ALA A 395 16.94 -31.91 -1.46
C ALA A 395 17.39 -30.87 -0.42
N GLU A 396 18.16 -29.88 -0.88
CA GLU A 396 18.46 -28.69 -0.10
C GLU A 396 18.05 -27.48 -0.94
N PHE A 397 17.61 -26.41 -0.28
CA PHE A 397 17.08 -25.26 -0.99
C PHE A 397 17.97 -24.03 -0.86
N PRO A 398 18.07 -23.25 -1.93
CA PRO A 398 18.86 -22.01 -1.91
C PRO A 398 18.18 -20.91 -1.09
N THR A 399 19.00 -19.97 -0.62
CA THR A 399 18.52 -18.77 0.06
C THR A 399 18.46 -17.61 -0.96
N LEU A 400 17.51 -16.70 -0.75
CA LEU A 400 17.29 -15.59 -1.68
C LEU A 400 16.89 -14.33 -0.91
N SER A 401 17.39 -13.17 -1.35
CA SER A 401 16.82 -11.89 -0.91
C SER A 401 16.61 -10.98 -2.12
N GLY A 402 15.74 -9.97 -1.96
CA GLY A 402 15.41 -9.00 -3.00
C GLY A 402 13.90 -8.96 -3.27
N ASP A 403 13.52 -8.27 -4.34
CA ASP A 403 12.11 -8.19 -4.75
C ASP A 403 11.96 -8.63 -6.21
N PHE A 404 10.71 -8.60 -6.67
CA PHE A 404 10.35 -9.03 -8.02
C PHE A 404 9.56 -7.93 -8.76
N PHE A 405 10.10 -6.70 -8.69
CA PHE A 405 9.65 -5.57 -9.53
C PHE A 405 10.82 -5.13 -10.43
N THR A 406 10.58 -4.57 -11.63
CA THR A 406 9.26 -4.40 -12.26
C THR A 406 8.93 -5.57 -13.19
N TYR A 407 7.74 -6.12 -13.02
CA TYR A 407 7.29 -7.25 -13.83
C TYR A 407 7.11 -6.95 -15.31
N ALA A 408 7.54 -7.89 -16.15
CA ALA A 408 7.11 -7.94 -17.56
C ALA A 408 6.65 -9.37 -17.86
N ASP A 409 5.48 -9.52 -18.49
CA ASP A 409 5.00 -10.85 -18.89
C ASP A 409 5.48 -11.28 -20.28
N ARG A 410 5.91 -10.33 -21.13
CA ARG A 410 6.38 -10.64 -22.49
C ARG A 410 7.05 -9.39 -23.08
N SER A 411 8.02 -9.65 -23.97
CA SER A 411 8.76 -8.63 -24.73
CA SER A 411 8.65 -8.59 -24.76
C SER A 411 9.12 -7.42 -23.87
N ASP A 412 8.76 -6.20 -24.29
CA ASP A 412 9.06 -4.98 -23.53
C ASP A 412 7.85 -4.46 -22.74
N ASN A 413 6.85 -5.33 -22.52
CA ASN A 413 5.61 -4.95 -21.82
C ASN A 413 5.81 -4.99 -20.27
N TYR A 414 6.39 -3.92 -19.73
CA TYR A 414 6.65 -3.74 -18.29
C TYR A 414 5.45 -3.08 -17.64
N TRP A 415 5.03 -3.65 -16.52
CA TRP A 415 3.80 -3.23 -15.84
C TRP A 415 4.10 -2.12 -14.83
N SER A 416 4.66 -1.00 -15.29
CA SER A 416 4.91 0.12 -14.38
C SER A 416 3.83 1.21 -14.45
N GLY A 417 2.86 1.07 -15.36
CA GLY A 417 1.78 2.04 -15.44
C GLY A 417 0.89 2.06 -14.21
N TYR A 418 0.59 0.89 -13.65
CA TYR A 418 -0.34 0.79 -12.52
C TYR A 418 0.27 1.32 -11.22
N TYR A 419 1.57 1.69 -11.21
CA TYR A 419 2.12 2.40 -10.06
C TYR A 419 1.49 3.81 -9.91
N THR A 420 0.83 4.30 -10.97
CA THR A 420 0.23 5.64 -11.00
C THR A 420 -1.27 5.68 -11.32
N SER A 421 -1.78 4.69 -12.07
CA SER A 421 -3.15 4.73 -12.55
C SER A 421 -4.19 5.05 -11.46
N ARG A 422 -5.15 5.92 -11.79
CA ARG A 422 -6.20 6.33 -10.81
C ARG A 422 -5.58 6.88 -9.50
N PRO A 423 -4.77 7.95 -9.63
CA PRO A 423 -4.05 8.46 -8.46
C PRO A 423 -4.96 9.09 -7.39
N TYR A 424 -6.16 9.55 -7.75
CA TYR A 424 -7.07 10.07 -6.70
C TYR A 424 -7.31 8.99 -5.64
N HIS A 425 -7.56 7.76 -6.08
CA HIS A 425 -7.92 6.68 -5.15
C HIS A 425 -6.69 6.12 -4.43
N LYS A 426 -5.52 6.22 -5.07
CA LYS A 426 -4.26 5.90 -4.39
C LYS A 426 -4.04 6.84 -3.19
N ARG A 427 -4.29 8.14 -3.39
CA ARG A 427 -4.20 9.10 -2.29
C ARG A 427 -5.27 8.82 -1.21
N MET A 428 -6.49 8.54 -1.64
CA MET A 428 -7.59 8.22 -0.72
C MET A 428 -7.24 7.03 0.19
N ASP A 429 -6.55 6.02 -0.38
CA ASP A 429 -6.10 4.86 0.42
C ASP A 429 -5.28 5.29 1.64
N ARG A 430 -4.35 6.22 1.43
CA ARG A 430 -3.49 6.66 2.54
C ARG A 430 -4.25 7.49 3.59
N VAL A 431 -5.22 8.28 3.12
CA VAL A 431 -6.06 9.06 4.06
C VAL A 431 -6.88 8.08 4.95
N LEU A 432 -7.55 7.11 4.30
CA LEU A 432 -8.36 6.15 5.05
C LEU A 432 -7.49 5.26 5.94
N MET A 433 -6.28 4.90 5.50
CA MET A 433 -5.33 4.16 6.34
C MET A 433 -5.18 4.82 7.71
N HIS A 434 -4.92 6.14 7.67
CA HIS A 434 -4.69 6.90 8.88
C HIS A 434 -5.97 7.03 9.73
N TYR A 435 -7.12 7.29 9.09
CA TYR A 435 -8.41 7.41 9.79
CA TYR A 435 -8.33 7.42 9.87
C TYR A 435 -8.81 6.11 10.50
N VAL A 436 -8.55 4.97 9.87
CA VAL A 436 -8.82 3.66 10.52
C VAL A 436 -7.93 3.55 11.78
N ARG A 437 -6.63 3.83 11.64
CA ARG A 437 -5.74 3.75 12.79
C ARG A 437 -6.22 4.66 13.93
N ALA A 438 -6.55 5.92 13.59
CA ALA A 438 -6.92 6.89 14.61
C ALA A 438 -8.26 6.51 15.27
N ALA A 439 -9.23 6.01 14.50
CA ALA A 439 -10.51 5.61 15.05
C ALA A 439 -10.38 4.40 15.99
N GLU A 440 -9.59 3.41 15.58
CA GLU A 440 -9.39 2.21 16.43
C GLU A 440 -8.64 2.61 17.72
N MET A 441 -7.63 3.48 17.61
CA MET A 441 -6.86 3.90 18.79
C MET A 441 -7.69 4.75 19.76
N LEU A 442 -8.35 5.79 19.26
CA LEU A 442 -9.15 6.69 20.13
C LEU A 442 -10.24 5.94 20.87
N SER A 443 -10.90 4.98 20.21
CA SER A 443 -11.99 4.25 20.85
C SER A 443 -11.52 3.09 21.72
N ALA A 444 -10.27 2.66 21.57
CA ALA A 444 -9.73 1.53 22.36
C ALA A 444 -9.60 1.84 23.85
N TRP A 445 -9.44 3.13 24.21
CA TRP A 445 -9.24 3.52 25.60
C TRP A 445 -10.38 3.14 26.54
N HIS A 446 -11.59 3.03 26.01
CA HIS A 446 -12.77 2.67 26.80
C HIS A 446 -13.45 1.43 26.23
N SER A 447 -14.25 0.79 27.09
CA SER A 447 -15.25 -0.16 26.66
C SER A 447 -16.54 0.59 26.31
N TRP A 448 -17.23 0.21 25.24
CA TRP A 448 -18.42 0.93 24.80
C TRP A 448 -19.66 0.05 24.86
N ASP A 449 -20.77 0.62 25.32
CA ASP A 449 -22.07 -0.04 25.20
C ASP A 449 -22.39 -0.39 23.74
N GLY A 450 -23.07 -1.51 23.52
CA GLY A 450 -23.47 -1.90 22.17
C GLY A 450 -24.30 -0.86 21.43
N MET A 451 -25.05 -0.06 22.18
CA MET A 451 -25.89 0.99 21.59
C MET A 451 -25.07 2.09 20.89
N ALA A 452 -23.80 2.19 21.25
CA ALA A 452 -22.93 3.20 20.64
C ALA A 452 -22.50 2.81 19.22
N ARG A 453 -22.68 1.54 18.83
CA ARG A 453 -22.36 1.05 17.47
C ARG A 453 -20.89 1.25 17.06
N ILE A 454 -20.00 1.23 18.06
CA ILE A 454 -18.57 1.46 17.78
C ILE A 454 -17.98 0.27 17.00
N GLU A 455 -18.18 -0.95 17.49
CA GLU A 455 -17.66 -2.14 16.81
C GLU A 455 -18.23 -2.25 15.40
N GLU A 456 -19.50 -1.92 15.24
CA GLU A 456 -20.16 -1.97 13.93
C GLU A 456 -19.47 -1.03 12.93
N ARG A 457 -19.28 0.22 13.33
CA ARG A 457 -18.68 1.21 12.42
C ARG A 457 -17.22 0.87 12.10
N LEU A 458 -16.47 0.40 13.10
CA LEU A 458 -15.05 0.03 12.86
C LEU A 458 -14.94 -1.18 11.94
N GLU A 459 -15.83 -2.16 12.11
CA GLU A 459 -15.77 -3.34 11.24
C GLU A 459 -16.05 -2.92 9.78
N GLN A 460 -17.04 -2.05 9.57
CA GLN A 460 -17.32 -1.50 8.21
C GLN A 460 -16.08 -0.82 7.63
N ALA A 461 -15.47 0.07 8.41
CA ALA A 461 -14.31 0.82 7.92
C ALA A 461 -13.12 -0.12 7.58
N ARG A 462 -12.82 -1.07 8.47
CA ARG A 462 -11.74 -2.03 8.20
C ARG A 462 -12.01 -2.84 6.93
N ARG A 463 -13.27 -3.24 6.73
CA ARG A 463 -13.59 -4.12 5.58
C ARG A 463 -13.54 -3.37 4.26
N GLU A 464 -13.98 -2.10 4.24
CA GLU A 464 -13.92 -1.34 2.99
C GLU A 464 -12.47 -1.03 2.60
N LEU A 465 -11.64 -0.65 3.59
CA LEU A 465 -10.22 -0.41 3.30
C LEU A 465 -9.53 -1.71 2.88
N SER A 466 -9.84 -2.81 3.57
CA SER A 466 -9.30 -4.10 3.20
C SER A 466 -9.65 -4.52 1.77
N LEU A 467 -10.92 -4.32 1.38
CA LEU A 467 -11.36 -4.64 0.04
C LEU A 467 -10.49 -3.91 -1.00
N PHE A 468 -10.20 -2.64 -0.74
CA PHE A 468 -9.48 -1.81 -1.72
C PHE A 468 -8.02 -2.25 -1.92
N GLN A 469 -7.49 -3.08 -1.01
CA GLN A 469 -6.13 -3.61 -1.20
C GLN A 469 -6.05 -4.62 -2.34
N HIS A 470 -7.20 -5.09 -2.83
CA HIS A 470 -7.25 -6.01 -3.97
C HIS A 470 -6.37 -5.52 -5.12
N HIS A 471 -5.83 -6.49 -5.87
CA HIS A 471 -4.96 -6.19 -7.01
C HIS A 471 -5.66 -5.56 -8.24
N ASP A 472 -6.98 -5.28 -8.15
CA ASP A 472 -7.66 -4.37 -9.09
C ASP A 472 -8.25 -3.13 -8.42
N GLY A 473 -7.96 -2.92 -7.13
CA GLY A 473 -8.49 -1.79 -6.36
C GLY A 473 -7.46 -0.66 -6.39
N ILE A 474 -6.55 -0.68 -5.41
CA ILE A 474 -5.53 0.37 -5.28
C ILE A 474 -4.66 0.51 -6.55
N THR A 475 -4.54 -0.57 -7.33
CA THR A 475 -3.77 -0.57 -8.58
C THR A 475 -4.35 0.34 -9.68
N GLY A 476 -5.64 0.72 -9.58
CA GLY A 476 -6.22 1.55 -10.62
C GLY A 476 -6.47 0.79 -11.91
N THR A 477 -6.76 -0.52 -11.82
CA THR A 477 -6.93 -1.36 -13.00
C THR A 477 -8.35 -1.94 -13.17
N ALA A 478 -9.35 -1.30 -12.54
CA ALA A 478 -10.75 -1.74 -12.68
C ALA A 478 -11.55 -0.86 -13.66
N LYS A 479 -12.70 -1.36 -14.12
CA LYS A 479 -13.57 -0.54 -14.97
CA LYS A 479 -13.58 -0.54 -14.97
C LYS A 479 -14.09 0.70 -14.22
N THR A 480 -14.44 1.74 -14.97
CA THR A 480 -14.90 3.00 -14.37
C THR A 480 -15.98 2.82 -13.29
N HIS A 481 -17.02 2.04 -13.54
CA HIS A 481 -18.11 1.92 -12.56
C HIS A 481 -17.67 1.14 -11.32
N VAL A 482 -16.64 0.33 -11.46
CA VAL A 482 -16.09 -0.41 -10.33
C VAL A 482 -15.23 0.52 -9.45
N VAL A 483 -14.43 1.38 -10.07
CA VAL A 483 -13.70 2.42 -9.35
C VAL A 483 -14.68 3.29 -8.53
N VAL A 484 -15.82 3.65 -9.14
CA VAL A 484 -16.84 4.43 -8.43
C VAL A 484 -17.36 3.67 -7.21
N ASP A 485 -17.60 2.36 -7.34
CA ASP A 485 -18.02 1.54 -6.20
C ASP A 485 -16.98 1.55 -5.08
N TYR A 486 -15.71 1.35 -5.41
CA TYR A 486 -14.64 1.40 -4.39
C TYR A 486 -14.61 2.76 -3.69
N GLU A 487 -14.74 3.84 -4.47
CA GLU A 487 -14.75 5.20 -3.92
C GLU A 487 -15.92 5.41 -2.94
N GLN A 488 -17.12 4.99 -3.33
CA GLN A 488 -18.31 5.13 -2.49
C GLN A 488 -18.13 4.36 -1.18
N ARG A 489 -17.58 3.14 -1.29
CA ARG A 489 -17.30 2.33 -0.11
C ARG A 489 -16.30 3.01 0.84
N MET A 490 -15.22 3.59 0.27
CA MET A 490 -14.24 4.30 1.10
C MET A 490 -14.80 5.58 1.71
N GLN A 491 -15.71 6.27 1.02
CA GLN A 491 -16.35 7.45 1.59
CA GLN A 491 -16.39 7.45 1.57
C GLN A 491 -17.21 7.08 2.81
N GLU A 492 -17.95 5.97 2.71
CA GLU A 492 -18.73 5.49 3.85
C GLU A 492 -17.79 5.11 4.99
N ALA A 493 -16.65 4.50 4.67
CA ALA A 493 -15.67 4.14 5.71
C ALA A 493 -15.10 5.40 6.42
N LEU A 494 -14.83 6.46 5.66
CA LEU A 494 -14.32 7.70 6.27
C LEU A 494 -15.36 8.29 7.22
N LYS A 495 -16.64 8.26 6.82
CA LYS A 495 -17.72 8.77 7.69
C LYS A 495 -17.83 7.93 8.97
N ALA A 496 -17.68 6.62 8.85
CA ALA A 496 -17.69 5.73 10.01
C ALA A 496 -16.54 6.06 10.99
N CYS A 497 -15.34 6.28 10.43
CA CYS A 497 -14.17 6.65 11.26
C CYS A 497 -14.42 7.99 11.96
N GLN A 498 -14.94 8.98 11.24
CA GLN A 498 -15.23 10.29 11.85
C GLN A 498 -16.19 10.15 13.03
N MET A 499 -17.26 9.37 12.86
CA MET A 499 -18.23 9.18 13.93
C MET A 499 -17.56 8.61 15.17
N VAL A 500 -16.78 7.55 14.99
CA VAL A 500 -16.13 6.89 16.13
C VAL A 500 -15.12 7.83 16.80
N MET A 501 -14.31 8.54 15.99
CA MET A 501 -13.31 9.47 16.52
C MET A 501 -13.95 10.57 17.36
N GLN A 502 -15.02 11.19 16.84
CA GLN A 502 -15.60 12.34 17.53
C GLN A 502 -16.35 11.93 18.82
N GLN A 503 -17.05 10.80 18.82
CA GLN A 503 -17.62 10.26 20.06
C GLN A 503 -16.53 9.99 21.10
N SER A 504 -15.38 9.48 20.65
CA SER A 504 -14.27 9.15 21.55
C SER A 504 -13.64 10.40 22.17
N VAL A 505 -13.41 11.43 21.36
CA VAL A 505 -12.88 12.70 21.87
C VAL A 505 -13.84 13.30 22.94
N TYR A 506 -15.14 13.30 22.66
CA TYR A 506 -16.10 13.86 23.62
C TYR A 506 -16.00 13.10 24.97
N ARG A 507 -15.86 11.78 24.93
CA ARG A 507 -15.76 10.99 26.15
C ARG A 507 -14.41 11.20 26.88
N LEU A 508 -13.32 11.31 26.12
CA LEU A 508 -11.98 11.43 26.72
C LEU A 508 -11.72 12.79 27.35
N LEU A 509 -12.45 13.82 26.93
CA LEU A 509 -12.19 15.20 27.35
C LEU A 509 -13.38 15.88 28.07
N THR A 510 -14.34 15.09 28.56
CA THR A 510 -15.44 15.67 29.35
C THR A 510 -15.43 15.09 30.78
N LYS A 511 -15.62 15.97 31.78
CA LYS A 511 -15.69 15.52 33.19
C LYS A 511 -16.67 14.35 33.29
N PRO A 512 -16.22 13.20 33.84
CA PRO A 512 -17.05 11.99 33.85
C PRO A 512 -18.49 12.14 34.39
N SER A 513 -18.67 12.93 35.44
CA SER A 513 -20.02 13.10 36.02
C SER A 513 -20.91 14.05 35.23
N ILE A 514 -20.35 14.68 34.19
CA ILE A 514 -21.10 15.56 33.27
C ILE A 514 -21.40 14.89 31.93
N TYR A 515 -20.50 14.00 31.48
CA TYR A 515 -20.62 13.31 30.18
C TYR A 515 -22.00 12.69 29.99
N SER A 516 -22.67 13.10 28.90
CA SER A 516 -24.06 12.68 28.62
C SER A 516 -24.27 12.43 27.12
N PRO A 517 -23.75 11.29 26.62
CA PRO A 517 -23.72 11.08 25.18
C PRO A 517 -25.04 10.69 24.54
N ASP A 518 -25.29 11.26 23.37
CA ASP A 518 -26.25 10.76 22.41
C ASP A 518 -25.34 10.18 21.31
N PHE A 519 -25.40 8.86 21.15
CA PHE A 519 -24.45 8.15 20.27
C PHE A 519 -24.70 8.40 18.78
N SER A 520 -25.79 9.11 18.45
CA SER A 520 -26.07 9.52 17.06
C SER A 520 -25.67 10.97 16.76
N PHE A 521 -25.29 11.73 17.79
CA PHE A 521 -25.03 13.17 17.67
C PHE A 521 -23.57 13.47 17.26
N SER A 522 -23.41 14.58 16.54
CA SER A 522 -22.08 15.06 16.16
C SER A 522 -21.60 16.15 17.15
N TYR A 523 -20.76 15.75 18.10
CA TYR A 523 -20.13 16.67 19.06
C TYR A 523 -19.00 17.48 18.43
N PHE A 524 -18.28 16.84 17.50
CA PHE A 524 -17.18 17.49 16.77
C PHE A 524 -17.28 17.13 15.31
N THR A 525 -16.81 18.04 14.46
CA THR A 525 -16.54 17.67 13.07
C THR A 525 -15.04 17.70 12.79
N LEU A 526 -14.59 16.78 11.96
CA LEU A 526 -13.20 16.74 11.57
C LEU A 526 -12.92 17.86 10.58
N ASP A 527 -11.71 18.42 10.68
CA ASP A 527 -11.23 19.39 9.71
C ASP A 527 -9.95 18.80 9.12
N ASP A 528 -9.92 18.63 7.80
CA ASP A 528 -8.75 18.06 7.13
C ASP A 528 -8.35 19.02 6.02
N SER A 529 -7.14 19.57 6.11
CA SER A 529 -6.62 20.54 5.16
C SER A 529 -6.14 19.93 3.85
N ARG A 530 -5.92 18.61 3.82
CA ARG A 530 -5.28 17.98 2.67
C ARG A 530 -6.09 16.87 2.03
N TRP A 531 -7.34 16.70 2.45
CA TRP A 531 -8.21 15.73 1.77
C TRP A 531 -9.68 16.16 1.90
N PRO A 532 -10.43 16.22 0.77
CA PRO A 532 -9.96 16.02 -0.60
C PRO A 532 -8.98 17.09 -1.08
N GLY A 533 -8.94 18.22 -0.38
CA GLY A 533 -7.97 19.28 -0.67
C GLY A 533 -8.57 20.50 -1.33
N SER A 534 -7.88 21.61 -1.12
CA SER A 534 -8.22 22.90 -1.72
C SER A 534 -8.20 22.73 -3.23
N GLY A 535 -9.28 23.13 -3.88
CA GLY A 535 -9.39 22.99 -5.33
C GLY A 535 -9.90 21.64 -5.81
N VAL A 536 -10.11 20.72 -4.87
CA VAL A 536 -10.66 19.41 -5.19
C VAL A 536 -12.13 19.36 -4.74
N GLU A 537 -12.38 19.69 -3.48
CA GLU A 537 -13.74 19.76 -2.95
C GLU A 537 -13.81 20.92 -1.95
N ASP A 538 -14.92 21.64 -1.96
CA ASP A 538 -15.17 22.61 -0.88
C ASP A 538 -15.88 21.86 0.25
N SER A 539 -15.10 21.37 1.20
CA SER A 539 -15.61 20.41 2.19
C SER A 539 -15.44 20.90 3.63
N ARG A 540 -14.55 21.87 3.81
CA ARG A 540 -14.17 22.35 5.15
C ARG A 540 -15.13 23.37 5.70
N THR A 541 -15.42 23.23 6.99
CA THR A 541 -16.31 24.14 7.67
C THR A 541 -15.53 25.37 8.13
N THR A 542 -16.17 26.52 7.98
CA THR A 542 -15.65 27.76 8.51
C THR A 542 -16.15 27.89 9.95
N ILE A 543 -15.24 28.20 10.86
CA ILE A 543 -15.62 28.54 12.23
C ILE A 543 -16.21 29.96 12.23
N ILE A 544 -17.50 30.04 12.57
CA ILE A 544 -18.24 31.30 12.52
CA ILE A 544 -18.24 31.31 12.53
C ILE A 544 -18.26 31.99 13.89
N LEU A 545 -17.56 33.11 13.97
CA LEU A 545 -17.50 33.91 15.19
C LEU A 545 -18.03 35.31 14.88
N GLY A 546 -18.50 36.00 15.92
CA GLY A 546 -19.00 37.36 15.74
C GLY A 546 -19.57 37.87 17.04
N GLU A 547 -19.46 39.18 17.23
CA GLU A 547 -19.96 39.84 18.43
C GLU A 547 -21.44 39.58 18.70
N ASP A 548 -22.21 39.40 17.62
CA ASP A 548 -23.66 39.20 17.74
C ASP A 548 -24.06 37.73 17.52
N ILE A 549 -23.11 36.81 17.60
CA ILE A 549 -23.45 35.37 17.47
C ILE A 549 -22.69 34.41 18.41
N LEU A 550 -21.36 34.54 18.47
CA LEU A 550 -20.53 33.57 19.21
C LEU A 550 -19.11 34.11 19.34
N PRO A 551 -18.65 34.36 20.58
CA PRO A 551 -17.32 34.92 20.75
C PRO A 551 -16.14 33.97 20.57
N SER A 552 -16.33 32.67 20.81
CA SER A 552 -15.18 31.76 20.82
C SER A 552 -15.58 30.32 20.48
N LYS A 553 -14.57 29.51 20.16
CA LYS A 553 -14.76 28.13 19.73
C LYS A 553 -13.61 27.24 20.23
N HIS A 554 -13.96 26.11 20.85
CA HIS A 554 -12.97 25.06 21.18
C HIS A 554 -12.64 24.17 19.96
N VAL A 555 -11.34 23.91 19.82
CA VAL A 555 -10.81 22.92 18.86
C VAL A 555 -9.93 21.94 19.62
N VAL A 556 -9.82 20.71 19.09
CA VAL A 556 -9.03 19.66 19.72
C VAL A 556 -8.14 18.97 18.68
N MET A 557 -6.87 18.75 19.03
CA MET A 557 -5.93 17.97 18.19
C MET A 557 -5.64 16.61 18.80
N HIS A 558 -5.60 15.57 17.96
CA HIS A 558 -5.16 14.21 18.34
C HIS A 558 -3.83 13.86 17.66
N ASN A 559 -2.95 13.20 18.43
CA ASN A 559 -1.65 12.74 17.97
C ASN A 559 -1.56 11.21 18.13
N THR A 560 -1.70 10.48 17.03
CA THR A 560 -1.69 9.03 17.11
C THR A 560 -0.29 8.42 17.38
N LEU A 561 0.78 9.22 17.19
CA LEU A 561 2.15 8.71 17.40
C LEU A 561 2.55 8.69 18.89
N PRO A 562 3.37 7.69 19.30
CA PRO A 562 3.73 7.57 20.72
C PRO A 562 4.90 8.46 21.20
N HIS A 563 4.95 9.70 20.72
CA HIS A 563 5.90 10.68 21.27
C HIS A 563 5.23 12.04 21.27
N TRP A 564 5.66 12.95 22.16
CA TRP A 564 5.19 14.34 22.12
C TRP A 564 5.44 14.91 20.71
N ARG A 565 4.47 15.66 20.19
CA ARG A 565 4.64 16.21 18.84
C ARG A 565 4.08 17.63 18.77
N GLU A 566 4.87 18.49 18.11
CA GLU A 566 4.40 19.82 17.68
C GLU A 566 4.21 19.83 16.18
N GLN A 567 3.15 20.51 15.73
CA GLN A 567 2.88 20.63 14.30
C GLN A 567 2.02 21.88 14.11
N LEU A 568 2.27 22.64 13.04
CA LEU A 568 1.35 23.74 12.72
C LEU A 568 0.01 23.15 12.26
N VAL A 569 -1.05 23.75 12.75
CA VAL A 569 -2.42 23.39 12.32
C VAL A 569 -3.13 24.66 11.83
N ASP A 570 -4.09 24.49 10.93
CA ASP A 570 -4.85 25.64 10.42
C ASP A 570 -6.35 25.37 10.40
N PHE A 571 -7.11 26.45 10.59
CA PHE A 571 -8.57 26.39 10.54
C PHE A 571 -9.08 27.58 9.70
N TYR A 572 -10.22 27.41 9.05
CA TYR A 572 -10.92 28.55 8.43
C TYR A 572 -11.78 29.24 9.50
N VAL A 573 -11.70 30.57 9.52
CA VAL A 573 -12.46 31.41 10.47
C VAL A 573 -13.11 32.59 9.70
N SER A 574 -14.21 33.10 10.26
CA SER A 574 -14.99 34.13 9.58
C SER A 574 -14.53 35.57 9.83
N SER A 575 -13.42 35.75 10.57
CA SER A 575 -12.84 37.07 10.84
C SER A 575 -11.32 36.93 10.88
N PRO A 576 -10.58 37.97 10.46
CA PRO A 576 -9.12 37.91 10.61
C PRO A 576 -8.66 38.24 12.05
N PHE A 577 -9.55 38.78 12.87
CA PHE A 577 -9.17 39.24 14.21
C PHE A 577 -9.45 38.15 15.24
N VAL A 578 -8.59 37.13 15.21
CA VAL A 578 -8.77 35.94 16.05
C VAL A 578 -7.46 35.64 16.79
N SER A 579 -7.61 35.31 18.07
CA SER A 579 -6.51 34.96 18.97
C SER A 579 -6.66 33.52 19.47
N VAL A 580 -5.54 32.90 19.76
CA VAL A 580 -5.49 31.50 20.22
C VAL A 580 -4.97 31.43 21.67
N THR A 581 -5.64 30.61 22.49
CA THR A 581 -5.20 30.30 23.85
C THR A 581 -5.23 28.77 24.07
N ASP A 582 -4.40 28.30 24.99
CA ASP A 582 -4.47 26.89 25.44
C ASP A 582 -5.50 26.78 26.57
N LEU A 583 -5.74 25.61 27.16
CA LEU A 583 -6.85 25.62 28.13
C LEU A 583 -6.45 26.11 29.54
N ALA A 584 -5.19 26.54 29.70
CA ALA A 584 -4.81 27.33 30.89
C ALA A 584 -4.88 28.81 30.57
N ASN A 585 -5.47 29.16 29.43
CA ASN A 585 -5.61 30.55 29.01
C ASN A 585 -4.30 31.25 28.67
N ASN A 586 -3.25 30.49 28.40
CA ASN A 586 -1.97 31.03 27.95
C ASN A 586 -2.08 31.41 26.47
N PRO A 587 -1.66 32.63 26.10
CA PRO A 587 -1.65 32.99 24.67
C PRO A 587 -0.76 32.07 23.85
N VAL A 588 -1.17 31.79 22.61
CA VAL A 588 -0.41 30.99 21.65
C VAL A 588 -0.19 31.87 20.42
N GLU A 589 1.05 31.97 19.96
CA GLU A 589 1.36 32.79 18.77
C GLU A 589 0.66 32.22 17.54
N ALA A 590 0.07 33.09 16.73
CA ALA A 590 -0.69 32.65 15.56
C ALA A 590 -0.41 33.55 14.37
N GLN A 591 -0.72 33.02 13.19
CA GLN A 591 -0.62 33.77 11.95
C GLN A 591 -1.93 33.66 11.19
N VAL A 592 -2.40 34.78 10.63
CA VAL A 592 -3.56 34.75 9.74
C VAL A 592 -3.10 35.01 8.30
N SER A 593 -3.62 34.20 7.37
CA SER A 593 -3.37 34.31 5.92
C SER A 593 -4.72 34.32 5.20
N PRO A 594 -4.76 34.81 3.95
CA PRO A 594 -6.01 34.73 3.20
C PRO A 594 -6.38 33.29 2.80
N VAL A 595 -7.63 33.09 2.39
CA VAL A 595 -8.00 31.84 1.70
C VAL A 595 -7.92 32.09 0.19
N TRP A 596 -6.98 31.41 -0.47
CA TRP A 596 -6.71 31.59 -1.90
C TRP A 596 -7.23 30.38 -2.67
N SER A 597 -7.98 30.62 -3.73
CA SER A 597 -8.40 29.53 -4.62
C SER A 597 -8.00 29.83 -6.06
N TRP A 598 -7.61 28.80 -6.77
CA TRP A 598 -7.12 28.96 -8.13
C TRP A 598 -8.21 28.61 -9.13
N HIS A 599 -8.26 29.40 -10.20
CA HIS A 599 -9.30 29.26 -11.18
C HIS A 599 -8.73 29.26 -12.58
N HIS A 600 -9.23 28.35 -13.40
CA HIS A 600 -8.92 28.43 -14.82
C HIS A 600 -9.94 29.35 -15.46
N ASP A 601 -9.48 30.55 -15.78
CA ASP A 601 -10.34 31.60 -16.29
C ASP A 601 -10.50 31.37 -17.80
N THR A 602 -11.68 30.89 -18.20
CA THR A 602 -11.93 30.56 -19.62
C THR A 602 -12.15 31.80 -20.49
N LEU A 603 -12.30 32.97 -19.87
CA LEU A 603 -12.37 34.23 -20.61
C LEU A 603 -10.99 34.79 -20.95
N THR A 604 -10.17 35.01 -19.92
CA THR A 604 -8.82 35.55 -20.11
C THR A 604 -7.78 34.49 -20.52
N LYS A 605 -8.14 33.21 -20.38
CA LYS A 605 -7.23 32.08 -20.72
C LYS A 605 -6.00 32.10 -19.83
N THR A 606 -6.23 32.36 -18.54
CA THR A 606 -5.13 32.33 -17.55
C THR A 606 -5.59 31.51 -16.35
N ILE A 607 -4.60 31.02 -15.60
CA ILE A 607 -4.84 30.32 -14.35
C ILE A 607 -4.35 31.23 -13.22
N HIS A 608 -5.27 31.68 -12.38
CA HIS A 608 -4.94 32.73 -11.40
C HIS A 608 -5.70 32.58 -10.10
N PRO A 609 -5.16 33.12 -8.99
CA PRO A 609 -5.80 32.99 -7.70
C PRO A 609 -6.79 34.10 -7.36
N GLN A 610 -7.85 33.72 -6.66
CA GLN A 610 -8.82 34.67 -6.12
C GLN A 610 -8.83 34.51 -4.60
N GLY A 611 -8.94 35.63 -3.90
CA GLY A 611 -8.97 35.59 -2.43
C GLY A 611 -10.37 35.79 -1.86
N SER A 612 -10.65 35.14 -0.74
CA SER A 612 -11.94 35.35 -0.08
C SER A 612 -11.99 36.69 0.66
N THR A 613 -13.17 37.33 0.69
CA THR A 613 -13.31 38.55 1.46
C THR A 613 -14.09 38.33 2.77
N THR A 614 -14.38 37.07 3.09
CA THR A 614 -15.14 36.73 4.33
C THR A 614 -14.62 35.53 5.12
N LYS A 615 -13.66 34.78 4.58
CA LYS A 615 -13.06 33.60 5.23
C LYS A 615 -11.56 33.80 5.25
N TYR A 616 -10.91 33.38 6.32
CA TYR A 616 -9.46 33.56 6.53
C TYR A 616 -8.90 32.28 7.14
N ARG A 617 -7.59 32.07 7.01
CA ARG A 617 -6.91 30.92 7.64
C ARG A 617 -6.19 31.39 8.89
N ILE A 618 -6.44 30.76 10.02
CA ILE A 618 -5.61 30.96 11.20
C ILE A 618 -4.72 29.73 11.42
N ILE A 619 -3.45 29.99 11.74
CA ILE A 619 -2.39 28.97 11.81
C ILE A 619 -1.66 29.12 13.14
N PHE A 620 -1.44 28.01 13.84
CA PHE A 620 -0.71 28.06 15.11
C PHE A 620 -0.07 26.71 15.38
N LYS A 621 0.93 26.70 16.26
CA LYS A 621 1.62 25.46 16.59
C LYS A 621 0.89 24.72 17.72
N ALA A 622 0.39 23.53 17.43
CA ALA A 622 -0.22 22.67 18.46
C ALA A 622 0.82 21.74 19.07
N ARG A 623 0.76 21.53 20.39
CA ARG A 623 1.67 20.59 21.09
C ARG A 623 0.81 19.54 21.75
N VAL A 624 1.03 18.27 21.40
CA VAL A 624 0.09 17.21 21.76
C VAL A 624 0.82 16.02 22.39
N PRO A 625 0.26 15.47 23.50
CA PRO A 625 0.94 14.33 24.17
C PRO A 625 1.04 13.08 23.28
N PRO A 626 1.89 12.12 23.68
CA PRO A 626 1.95 10.85 22.93
C PRO A 626 0.59 10.17 22.96
N MET A 627 0.10 9.71 21.80
CA MET A 627 -1.19 9.00 21.72
C MET A 627 -2.28 9.78 22.48
N GLY A 628 -2.27 11.11 22.33
CA GLY A 628 -3.06 11.99 23.21
C GLY A 628 -3.84 13.09 22.51
N LEU A 629 -4.42 13.96 23.32
CA LEU A 629 -5.28 15.07 22.86
C LEU A 629 -4.92 16.37 23.55
N ALA A 630 -5.11 17.48 22.83
CA ALA A 630 -4.87 18.82 23.38
C ALA A 630 -5.95 19.79 22.87
N THR A 631 -6.50 20.56 23.80
CA THR A 631 -7.60 21.52 23.53
C THR A 631 -7.09 22.97 23.46
N TYR A 632 -7.57 23.71 22.44
CA TYR A 632 -7.26 25.15 22.31
C TYR A 632 -8.57 25.91 22.09
N VAL A 633 -8.50 27.23 22.25
CA VAL A 633 -9.67 28.09 22.08
C VAL A 633 -9.33 29.23 21.10
N LEU A 634 -10.24 29.47 20.16
CA LEU A 634 -10.13 30.58 19.20
C LEU A 634 -11.15 31.65 19.60
N THR A 635 -10.68 32.90 19.75
CA THR A 635 -11.55 33.99 20.25
C THR A 635 -11.48 35.20 19.31
N ILE A 636 -12.64 35.76 18.96
CA ILE A 636 -12.69 36.97 18.12
C ILE A 636 -12.44 38.24 18.95
N SER A 637 -11.86 39.24 18.31
CA SER A 637 -11.77 40.58 18.92
C SER A 637 -12.11 41.64 17.87
N ASP A 638 -12.27 42.89 18.30
CA ASP A 638 -12.66 43.99 17.40
C ASP A 638 -11.55 44.45 16.45
N SER A 639 -10.31 44.19 16.83
CA SER A 639 -9.14 44.67 16.11
C SER A 639 -7.98 43.68 16.24
N LYS A 640 -6.85 43.99 15.62
CA LYS A 640 -5.68 43.10 15.61
C LYS A 640 -5.26 42.69 17.03
N PRO A 641 -5.30 41.37 17.32
CA PRO A 641 -4.85 40.81 18.60
C PRO A 641 -3.34 40.90 18.82
N GLU A 642 -2.93 40.99 20.08
CA GLU A 642 -1.51 41.08 20.44
C GLU A 642 -0.61 39.94 19.93
N HIS A 643 -1.15 38.73 19.90
CA HIS A 643 -0.34 37.52 19.61
C HIS A 643 -0.62 36.91 18.25
N THR A 644 -1.27 37.65 17.36
CA THR A 644 -1.57 37.20 16.00
C THR A 644 -0.92 38.15 14.99
N SER A 645 -0.18 37.59 14.03
CA SER A 645 0.44 38.36 12.94
C SER A 645 -0.28 38.05 11.63
N TYR A 646 0.03 38.85 10.60
CA TYR A 646 -0.65 38.76 9.30
C TYR A 646 0.36 38.63 8.18
N ALA A 647 0.17 37.62 7.31
CA ALA A 647 1.08 37.40 6.19
C ALA A 647 1.00 38.53 5.16
N SER A 648 2.12 38.81 4.50
CA SER A 648 2.10 39.63 3.30
C SER A 648 1.81 38.74 2.08
N ASN A 649 1.29 39.34 1.02
CA ASN A 649 0.99 38.60 -0.20
C ASN A 649 1.44 39.41 -1.41
N LEU A 650 2.09 38.73 -2.35
CA LEU A 650 2.65 39.33 -3.56
C LEU A 650 2.26 38.50 -4.76
N LEU A 651 1.56 39.12 -5.69
CA LEU A 651 1.14 38.48 -6.93
C LEU A 651 2.04 38.92 -8.08
N LEU A 652 2.75 37.98 -8.68
CA LEU A 652 3.69 38.26 -9.76
C LEU A 652 3.09 37.82 -11.09
N ARG A 653 2.83 38.81 -11.95
CA ARG A 653 2.24 38.60 -13.27
C ARG A 653 2.26 39.91 -14.03
N LYS A 654 2.30 39.80 -15.35
CA LYS A 654 2.03 40.93 -16.22
C LYS A 654 0.50 41.16 -16.21
N ASN A 655 0.08 42.40 -16.41
CA ASN A 655 -1.34 42.75 -16.48
C ASN A 655 -2.15 42.35 -15.22
N PRO A 656 -1.69 42.80 -14.03
CA PRO A 656 -2.43 42.45 -12.82
C PRO A 656 -3.71 43.27 -12.69
N THR A 657 -4.66 42.73 -11.93
CA THR A 657 -5.84 43.46 -11.52
C THR A 657 -5.95 43.33 -10.00
N SER A 658 -6.75 44.19 -9.40
CA SER A 658 -6.89 44.28 -7.95
C SER A 658 -7.35 42.96 -7.31
N LEU A 659 -6.99 42.78 -6.04
CA LEU A 659 -7.34 41.58 -5.27
C LEU A 659 -7.75 41.98 -3.84
N PRO A 660 -9.02 42.40 -3.68
CA PRO A 660 -9.53 42.83 -2.36
C PRO A 660 -9.69 41.63 -1.42
N LEU A 661 -9.49 41.86 -0.13
CA LEU A 661 -9.52 40.78 0.86
C LEU A 661 -10.38 41.10 2.10
N GLY A 662 -11.40 41.94 1.93
CA GLY A 662 -12.31 42.30 3.07
C GLY A 662 -11.56 42.95 4.22
N GLN A 663 -11.73 42.39 5.42
CA GLN A 663 -11.14 42.93 6.65
C GLN A 663 -9.65 42.65 6.81
N TYR A 664 -9.09 41.80 5.96
CA TYR A 664 -7.67 41.44 6.06
C TYR A 664 -6.80 42.72 6.10
N PRO A 665 -5.97 42.89 7.14
CA PRO A 665 -5.27 44.18 7.36
C PRO A 665 -4.10 44.56 6.44
N GLU A 666 -3.63 43.66 5.58
CA GLU A 666 -2.50 43.95 4.69
C GLU A 666 -2.96 43.90 3.25
N ASP A 667 -2.74 44.98 2.50
CA ASP A 667 -3.09 45.00 1.07
C ASP A 667 -2.18 44.08 0.24
N VAL A 668 -2.74 43.35 -0.71
CA VAL A 668 -1.95 42.56 -1.66
C VAL A 668 -1.05 43.49 -2.50
N LYS A 669 0.20 43.07 -2.73
CA LYS A 669 1.17 43.78 -3.58
C LYS A 669 1.33 43.05 -4.92
N PHE A 670 1.74 43.79 -5.96
CA PHE A 670 1.86 43.28 -7.33
C PHE A 670 3.26 43.55 -7.89
N GLY A 671 3.69 42.74 -8.85
CA GLY A 671 4.96 42.96 -9.55
C GLY A 671 5.05 42.13 -10.79
N ASP A 672 6.01 42.48 -11.66
CA ASP A 672 6.37 41.63 -12.80
C ASP A 672 7.05 40.35 -12.29
N PRO A 673 6.90 39.22 -13.03
CA PRO A 673 7.62 38.00 -12.64
C PRO A 673 9.11 38.26 -12.40
N ARG A 674 9.65 37.65 -11.35
CA ARG A 674 11.04 37.83 -10.94
C ARG A 674 11.46 36.67 -10.04
N GLU A 675 12.76 36.41 -9.98
CA GLU A 675 13.30 35.45 -9.02
C GLU A 675 13.07 35.93 -7.59
N ILE A 676 12.80 35.00 -6.69
CA ILE A 676 12.63 35.36 -5.28
C ILE A 676 13.24 34.31 -4.36
N SER A 677 13.51 34.74 -3.14
CA SER A 677 14.07 33.88 -2.09
C SER A 677 13.27 34.06 -0.79
N LEU A 678 13.13 32.97 -0.04
CA LEU A 678 12.37 32.99 1.20
C LEU A 678 13.08 32.16 2.26
N ARG A 679 12.92 32.57 3.52
CA ARG A 679 13.40 31.81 4.68
C ARG A 679 12.40 31.96 5.83
N VAL A 680 11.95 30.84 6.37
CA VAL A 680 11.13 30.82 7.58
C VAL A 680 11.96 30.34 8.78
N GLY A 681 11.82 31.05 9.90
CA GLY A 681 12.60 30.76 11.11
C GLY A 681 14.10 30.70 10.83
N ASN A 682 14.74 29.68 11.41
CA ASN A 682 16.17 29.47 11.19
C ASN A 682 16.43 28.37 10.17
N GLY A 683 15.39 28.05 9.41
CA GLY A 683 15.41 26.89 8.52
C GLY A 683 16.13 27.22 7.22
N PRO A 684 15.91 26.38 6.19
CA PRO A 684 16.64 26.63 4.93
C PRO A 684 16.14 27.87 4.21
N THR A 685 17.00 28.41 3.35
CA THR A 685 16.63 29.49 2.45
C THR A 685 16.42 28.89 1.07
N LEU A 686 15.23 29.10 0.50
CA LEU A 686 14.86 28.55 -0.80
C LEU A 686 14.78 29.65 -1.84
N ALA A 687 15.38 29.39 -3.00
CA ALA A 687 15.33 30.31 -4.15
C ALA A 687 14.46 29.73 -5.25
N PHE A 688 13.66 30.59 -5.88
CA PHE A 688 12.71 30.21 -6.93
C PHE A 688 12.95 30.99 -8.23
N SER A 689 12.68 30.32 -9.35
CA SER A 689 12.73 30.95 -10.67
C SER A 689 11.55 31.92 -10.84
N GLU A 690 11.59 32.71 -11.90
CA GLU A 690 10.47 33.61 -12.21
C GLU A 690 9.18 32.86 -12.59
N GLN A 691 9.30 31.55 -12.86
CA GLN A 691 8.12 30.70 -13.07
C GLN A 691 7.60 30.03 -11.79
N GLY A 692 8.17 30.38 -10.65
CA GLY A 692 7.67 29.92 -9.35
C GLY A 692 8.12 28.52 -8.96
N LEU A 693 9.18 28.02 -9.60
CA LEU A 693 9.72 26.69 -9.34
C LEU A 693 11.05 26.75 -8.60
N LEU A 694 11.24 25.85 -7.64
CA LEU A 694 12.47 25.81 -6.87
C LEU A 694 13.69 25.71 -7.79
N LYS A 695 14.74 26.47 -7.43
CA LYS A 695 16.03 26.36 -8.13
CA LYS A 695 16.05 26.48 -8.12
C LYS A 695 17.19 26.04 -7.20
N SER A 696 17.12 26.39 -5.92
CA SER A 696 18.22 26.08 -4.98
C SER A 696 17.77 26.04 -3.52
N ILE A 697 18.54 25.31 -2.71
CA ILE A 697 18.32 25.23 -1.27
C ILE A 697 19.64 25.55 -0.57
N GLN A 698 19.57 26.47 0.38
CA GLN A 698 20.73 26.83 1.22
C GLN A 698 20.42 26.41 2.65
N LEU A 699 21.12 25.39 3.15
CA LEU A 699 20.77 24.82 4.45
C LEU A 699 20.96 25.78 5.64
N THR A 700 22.08 26.51 5.65
CA THR A 700 22.37 27.45 6.75
C THR A 700 22.88 28.79 6.20
N GLN A 701 23.02 29.78 7.08
CA GLN A 701 23.43 31.14 6.72
C GLN A 701 24.72 31.22 5.88
N ASP A 702 25.72 30.44 6.24
CA ASP A 702 27.03 30.49 5.55
C ASP A 702 27.12 29.55 4.35
N SER A 703 26.24 28.55 4.29
CA SER A 703 26.40 27.41 3.38
C SER A 703 26.12 27.70 1.89
N PRO A 704 26.54 26.80 0.99
CA PRO A 704 26.29 26.96 -0.45
C PRO A 704 24.79 26.92 -0.82
N HIS A 705 24.44 27.62 -1.88
CA HIS A 705 23.12 27.47 -2.51
C HIS A 705 23.18 26.26 -3.45
N VAL A 706 22.70 25.11 -2.96
CA VAL A 706 22.78 23.85 -3.68
C VAL A 706 21.70 23.80 -4.78
N PRO A 707 22.10 23.59 -6.05
CA PRO A 707 21.11 23.49 -7.14
C PRO A 707 20.15 22.32 -6.95
N VAL A 708 18.86 22.64 -6.89
CA VAL A 708 17.78 21.64 -6.75
C VAL A 708 16.63 22.27 -7.55
N HIS A 709 16.38 21.74 -8.75
CA HIS A 709 15.41 22.36 -9.68
C HIS A 709 14.21 21.45 -9.93
N PHE A 710 12.99 21.97 -9.68
CA PHE A 710 11.76 21.27 -10.07
C PHE A 710 11.41 21.59 -11.54
N LYS A 711 10.97 20.56 -12.27
CA LYS A 711 10.57 20.68 -13.67
C LYS A 711 9.41 19.73 -13.93
N PHE A 712 8.42 20.16 -14.71
CA PHE A 712 7.33 19.30 -15.17
C PHE A 712 7.50 18.93 -16.65
N LEU A 713 7.30 17.66 -16.97
CA LEU A 713 7.47 17.12 -18.33
C LEU A 713 6.29 16.19 -18.67
N LYS A 714 6.17 15.82 -19.94
CA LYS A 714 5.13 14.89 -20.39
C LYS A 714 5.69 13.75 -21.21
N TYR A 715 5.20 12.55 -20.93
CA TYR A 715 5.39 11.39 -21.79
C TYR A 715 4.16 11.21 -22.68
N GLY A 716 4.38 10.66 -23.89
CA GLY A 716 3.31 10.32 -24.82
C GLY A 716 3.15 8.82 -25.00
N VAL A 717 2.43 8.44 -26.05
CA VAL A 717 2.10 7.06 -26.37
C VAL A 717 2.57 6.78 -27.79
N ARG A 718 2.95 5.54 -28.07
CA ARG A 718 3.48 5.11 -29.37
C ARG A 718 2.41 5.11 -30.46
N SER A 719 2.80 5.57 -31.65
CA SER A 719 1.89 5.64 -32.79
C SER A 719 1.83 4.32 -33.58
N HIS A 720 2.81 3.44 -33.36
CA HIS A 720 2.76 2.07 -33.87
C HIS A 720 3.21 1.11 -32.78
N GLY A 721 2.73 -0.12 -32.88
CA GLY A 721 3.00 -1.13 -31.84
C GLY A 721 2.14 -0.97 -30.61
N ASP A 722 2.63 -1.52 -29.49
CA ASP A 722 1.83 -1.64 -28.29
C ASP A 722 1.59 -0.29 -27.61
N ARG A 723 0.35 -0.09 -27.14
CA ARG A 723 -0.07 1.15 -26.50
C ARG A 723 -0.09 1.06 -24.96
N SER A 724 0.33 2.14 -24.32
CA SER A 724 0.14 2.29 -22.87
C SER A 724 -1.33 2.22 -22.49
N GLY A 725 -1.60 1.62 -21.32
CA GLY A 725 -2.96 1.56 -20.76
C GLY A 725 -2.86 1.56 -19.25
N ALA A 726 -3.91 1.08 -18.58
CA ALA A 726 -3.93 1.07 -17.12
C ALA A 726 -2.76 0.31 -16.48
N TYR A 727 -2.28 -0.75 -17.13
CA TYR A 727 -1.21 -1.60 -16.61
C TYR A 727 0.18 -1.17 -17.12
N LEU A 728 0.29 -1.00 -18.45
CA LEU A 728 1.57 -0.88 -19.14
C LEU A 728 1.98 0.58 -19.36
N PHE A 729 3.27 0.86 -19.13
CA PHE A 729 3.88 2.15 -19.46
C PHE A 729 4.77 1.90 -20.66
N LEU A 730 4.36 2.41 -21.82
CA LEU A 730 5.10 2.19 -23.07
C LEU A 730 5.36 3.54 -23.75
N PRO A 731 6.27 4.34 -23.17
CA PRO A 731 6.45 5.72 -23.65
C PRO A 731 7.01 5.80 -25.07
N ASN A 732 6.68 6.88 -25.76
CA ASN A 732 7.30 7.17 -27.07
C ASN A 732 8.56 8.01 -26.89
N GLY A 733 9.54 7.46 -26.15
CA GLY A 733 10.78 8.16 -25.89
C GLY A 733 10.79 8.96 -24.58
N PRO A 734 11.94 9.54 -24.23
CA PRO A 734 12.03 10.38 -23.03
C PRO A 734 11.02 11.53 -23.02
N ALA A 735 10.72 12.01 -21.82
CA ALA A 735 9.71 13.06 -21.63
C ALA A 735 10.14 14.39 -22.22
N SER A 736 9.14 15.18 -22.63
CA SER A 736 9.34 16.53 -23.18
C SER A 736 8.85 17.59 -22.19
N PRO A 737 9.58 18.71 -22.03
CA PRO A 737 9.15 19.74 -21.06
C PRO A 737 7.73 20.26 -21.33
N VAL A 738 6.94 20.46 -20.26
CA VAL A 738 5.65 21.16 -20.41
C VAL A 738 5.95 22.63 -20.76
N GLU A 739 5.28 23.14 -21.78
CA GLU A 739 5.39 24.55 -22.17
C GLU A 739 4.63 25.41 -21.15
N LEU A 740 5.36 26.26 -20.43
CA LEU A 740 4.80 26.95 -19.26
C LEU A 740 4.15 28.31 -19.54
N GLY A 741 4.47 28.93 -20.68
CA GLY A 741 4.04 30.31 -20.95
C GLY A 741 4.60 31.29 -19.92
N GLN A 742 3.77 32.24 -19.50
CA GLN A 742 4.17 33.19 -18.45
C GLN A 742 3.22 33.01 -17.25
N PRO A 743 3.49 32.00 -16.40
CA PRO A 743 2.48 31.68 -15.37
C PRO A 743 2.40 32.68 -14.22
N VAL A 744 1.23 32.73 -13.59
CA VAL A 744 0.98 33.61 -12.43
C VAL A 744 1.53 32.95 -11.17
N VAL A 745 2.31 33.71 -10.42
CA VAL A 745 2.99 33.25 -9.20
C VAL A 745 2.49 34.03 -7.98
N LEU A 746 2.08 33.33 -6.92
CA LEU A 746 1.62 33.95 -5.69
C LEU A 746 2.59 33.64 -4.54
N VAL A 747 3.11 34.68 -3.88
CA VAL A 747 4.05 34.54 -2.78
C VAL A 747 3.38 35.03 -1.49
N THR A 748 3.28 34.16 -0.50
CA THR A 748 2.75 34.52 0.80
C THR A 748 3.88 34.42 1.83
N LYS A 749 4.14 35.51 2.56
CA LYS A 749 5.27 35.56 3.51
C LYS A 749 4.74 35.81 4.92
N GLY A 750 4.96 34.85 5.80
CA GLY A 750 4.50 34.95 7.19
C GLY A 750 5.58 34.54 8.18
N LYS A 751 5.37 34.89 9.45
CA LYS A 751 6.33 34.53 10.50
C LYS A 751 6.37 33.01 10.76
N LEU A 752 5.21 32.36 10.63
CA LEU A 752 5.07 30.91 10.91
C LEU A 752 5.09 30.04 9.67
N GLU A 753 4.55 30.57 8.56
CA GLU A 753 4.39 29.81 7.32
C GLU A 753 4.47 30.76 6.11
N SER A 754 5.30 30.39 5.14
CA SER A 754 5.39 31.07 3.85
C SER A 754 5.20 30.09 2.71
N SER A 755 4.85 30.59 1.52
CA SER A 755 4.68 29.69 0.39
C SER A 755 4.82 30.40 -0.95
N VAL A 756 5.15 29.61 -1.98
CA VAL A 756 5.14 30.07 -3.37
C VAL A 756 4.24 29.10 -4.13
N SER A 757 3.23 29.64 -4.83
CA SER A 757 2.28 28.83 -5.61
C SER A 757 2.25 29.34 -7.04
N VAL A 758 2.20 28.42 -8.01
CA VAL A 758 2.17 28.80 -9.43
C VAL A 758 1.13 27.98 -10.20
N GLY A 759 0.37 28.66 -11.07
CA GLY A 759 -0.65 27.99 -11.90
C GLY A 759 -0.04 27.56 -13.22
N LEU A 760 0.39 26.30 -13.31
CA LEU A 760 0.99 25.75 -14.52
C LEU A 760 -0.08 24.98 -15.29
N PRO A 761 0.13 24.71 -16.59
CA PRO A 761 -0.81 23.85 -17.32
C PRO A 761 -0.93 22.48 -16.63
N SER A 762 -2.15 22.14 -16.22
CA SER A 762 -2.50 20.87 -15.54
C SER A 762 -2.10 20.75 -14.07
N VAL A 763 -1.35 21.71 -13.52
CA VAL A 763 -0.87 21.59 -12.16
C VAL A 763 -0.78 22.94 -11.46
N VAL A 764 -1.46 23.07 -10.32
CA VAL A 764 -1.14 24.18 -9.40
C VAL A 764 -0.08 23.64 -8.44
N HIS A 765 1.14 24.16 -8.54
CA HIS A 765 2.32 23.66 -7.80
C HIS A 765 2.65 24.63 -6.67
N GLN A 766 2.79 24.08 -5.45
CA GLN A 766 2.94 24.87 -4.24
CA GLN A 766 2.97 24.89 -4.26
C GLN A 766 4.13 24.36 -3.42
N THR A 767 5.01 25.28 -2.99
CA THR A 767 6.10 24.98 -2.06
C THR A 767 5.82 25.73 -0.75
N ILE A 768 5.70 24.99 0.36
CA ILE A 768 5.34 25.54 1.66
C ILE A 768 6.49 25.39 2.67
N MET A 769 6.78 26.46 3.39
CA MET A 769 7.91 26.52 4.32
C MET A 769 7.40 26.82 5.72
N ARG A 770 7.79 25.98 6.68
CA ARG A 770 7.40 26.16 8.08
C ARG A 770 8.62 26.15 9.03
N GLY A 771 9.82 26.21 8.45
CA GLY A 771 11.03 26.26 9.26
C GLY A 771 11.93 25.06 9.15
N GLY A 772 11.45 23.99 8.52
CA GLY A 772 12.25 22.78 8.24
C GLY A 772 12.21 22.44 6.75
N ALA A 773 12.31 21.15 6.42
CA ALA A 773 12.19 20.72 5.01
C ALA A 773 10.84 21.21 4.44
N PRO A 774 10.84 21.73 3.19
CA PRO A 774 9.54 22.20 2.63
C PRO A 774 8.53 21.06 2.38
N GLU A 775 7.27 21.45 2.36
CA GLU A 775 6.16 20.60 1.89
C GLU A 775 5.84 21.03 0.46
N ILE A 776 5.63 20.07 -0.42
CA ILE A 776 5.21 20.33 -1.79
C ILE A 776 3.79 19.81 -1.95
N ARG A 777 2.91 20.63 -2.54
CA ARG A 777 1.55 20.18 -2.92
C ARG A 777 1.29 20.45 -4.38
N ASN A 778 0.76 19.45 -5.10
CA ASN A 778 0.39 19.62 -6.51
C ASN A 778 -1.09 19.33 -6.65
N LEU A 779 -1.85 20.33 -7.11
CA LEU A 779 -3.25 20.08 -7.49
C LEU A 779 -3.25 19.75 -8.97
N VAL A 780 -3.42 18.45 -9.27
CA VAL A 780 -3.19 17.91 -10.62
C VAL A 780 -4.52 17.67 -11.33
N ASP A 781 -4.74 18.40 -12.44
CA ASP A 781 -5.93 18.24 -13.27
C ASP A 781 -5.51 18.10 -14.73
N ILE A 782 -5.32 16.85 -15.17
CA ILE A 782 -4.87 16.54 -16.51
C ILE A 782 -5.93 16.87 -17.58
N GLY A 783 -7.16 17.14 -17.14
CA GLY A 783 -8.18 17.69 -18.06
C GLY A 783 -8.49 16.73 -19.19
N SER A 784 -8.49 17.23 -20.42
CA SER A 784 -8.77 16.41 -21.60
C SER A 784 -7.51 16.05 -22.41
N LEU A 785 -6.34 16.09 -21.77
CA LEU A 785 -5.08 15.73 -22.44
C LEU A 785 -4.89 14.23 -22.70
N ASP A 786 -5.50 13.72 -23.77
CA ASP A 786 -5.43 12.29 -24.08
C ASP A 786 -3.98 11.85 -24.36
N ASN A 787 -3.71 10.61 -24.01
CA ASN A 787 -2.42 9.99 -24.28
C ASN A 787 -1.23 10.80 -23.76
N THR A 788 -1.36 11.24 -22.51
CA THR A 788 -0.34 12.06 -21.84
C THR A 788 -0.11 11.52 -20.41
N GLU A 789 1.15 11.47 -19.97
CA GLU A 789 1.50 11.18 -18.58
C GLU A 789 2.33 12.38 -18.11
N ILE A 790 1.90 13.02 -17.02
CA ILE A 790 2.60 14.19 -16.45
C ILE A 790 3.55 13.73 -15.35
N VAL A 791 4.83 14.08 -15.48
CA VAL A 791 5.88 13.74 -14.52
C VAL A 791 6.45 15.00 -13.85
N MET A 792 6.75 14.88 -12.56
CA MET A 792 7.48 15.91 -11.80
C MET A 792 8.92 15.41 -11.61
N ARG A 793 9.90 16.19 -12.08
CA ARG A 793 11.32 15.82 -12.01
C ARG A 793 12.08 16.81 -11.13
N LEU A 794 13.04 16.29 -10.37
CA LEU A 794 14.04 17.07 -9.65
C LEU A 794 15.41 16.88 -10.30
N GLU A 795 16.08 17.99 -10.61
CA GLU A 795 17.42 17.98 -11.21
C GLU A 795 18.42 18.55 -10.21
N THR A 796 19.46 17.77 -9.92
CA THR A 796 20.50 18.19 -8.98
C THR A 796 21.88 17.86 -9.57
N HIS A 797 22.92 18.25 -8.85
CA HIS A 797 24.23 17.85 -9.36
CA HIS A 797 24.32 17.99 -9.15
C HIS A 797 24.84 16.75 -8.48
N ILE A 798 24.00 16.10 -7.64
CA ILE A 798 24.43 14.96 -6.81
C ILE A 798 25.00 13.85 -7.71
N ASP A 799 26.22 13.36 -7.39
CA ASP A 799 26.88 12.35 -8.22
C ASP A 799 26.42 10.93 -7.85
N SER A 800 25.15 10.65 -8.14
CA SER A 800 24.54 9.38 -7.79
C SER A 800 24.83 8.27 -8.81
N GLY A 801 25.23 8.64 -10.03
CA GLY A 801 25.56 7.64 -11.04
C GLY A 801 24.32 6.91 -11.49
N ASP A 802 24.30 5.58 -11.31
CA ASP A 802 23.15 4.75 -11.69
C ASP A 802 22.39 4.19 -10.49
N ILE A 803 22.67 4.70 -9.30
CA ILE A 803 22.06 4.19 -8.06
C ILE A 803 20.95 5.13 -7.54
N PHE A 804 19.85 4.54 -7.07
CA PHE A 804 18.80 5.26 -6.36
C PHE A 804 18.11 4.29 -5.39
N TYR A 805 17.28 4.82 -4.50
CA TYR A 805 16.60 4.00 -3.49
C TYR A 805 15.11 4.31 -3.51
N THR A 806 14.29 3.26 -3.42
CA THR A 806 12.82 3.41 -3.35
C THR A 806 12.31 2.52 -2.21
N ASP A 807 11.14 2.84 -1.65
CA ASP A 807 10.64 1.98 -0.59
C ASP A 807 9.73 0.84 -1.09
N LEU A 808 9.58 -0.15 -0.21
CA LEU A 808 8.65 -1.27 -0.41
C LEU A 808 7.59 -1.19 0.68
N ASN A 809 6.36 -0.87 0.27
CA ASN A 809 5.17 -0.88 1.14
C ASN A 809 5.31 0.00 2.38
N GLY A 810 6.12 1.06 2.31
CA GLY A 810 6.28 1.92 3.48
C GLY A 810 7.08 1.27 4.62
N LEU A 811 7.73 0.13 4.35
CA LEU A 811 8.38 -0.68 5.39
C LEU A 811 9.92 -0.60 5.36
N GLN A 812 10.51 -0.54 4.17
CA GLN A 812 11.96 -0.68 3.98
C GLN A 812 12.34 0.03 2.70
N PHE A 813 13.60 0.46 2.63
CA PHE A 813 14.18 1.05 1.41
C PHE A 813 15.14 0.08 0.75
N ILE A 814 14.97 -0.11 -0.55
CA ILE A 814 15.77 -1.06 -1.31
C ILE A 814 16.59 -0.31 -2.34
N LYS A 815 17.86 -0.73 -2.49
CA LYS A 815 18.73 -0.18 -3.51
C LYS A 815 18.29 -0.61 -4.93
N ARG A 816 18.20 0.39 -5.81
CA ARG A 816 17.92 0.20 -7.23
C ARG A 816 19.14 0.59 -8.06
N ARG A 817 19.33 -0.11 -9.17
CA ARG A 817 20.34 0.29 -10.15
C ARG A 817 19.67 0.47 -11.51
N ARG A 818 19.78 1.68 -12.06
CA ARG A 818 19.31 1.95 -13.42
CA ARG A 818 19.32 1.94 -13.41
C ARG A 818 20.10 1.02 -14.34
N LEU A 819 19.41 0.41 -15.29
CA LEU A 819 20.06 -0.47 -16.27
C LEU A 819 19.74 0.00 -17.68
N ASP A 820 20.77 0.46 -18.38
CA ASP A 820 20.58 0.97 -19.73
C ASP A 820 20.34 -0.17 -20.74
N LYS A 821 20.59 -1.44 -20.32
CA LYS A 821 20.26 -2.60 -21.16
C LYS A 821 18.76 -2.88 -21.19
N LEU A 822 17.99 -2.26 -20.29
CA LEU A 822 16.52 -2.38 -20.24
C LEU A 822 15.88 -1.08 -20.71
N PRO A 823 14.65 -1.16 -21.24
CA PRO A 823 13.98 0.09 -21.67
C PRO A 823 13.58 1.00 -20.51
N LEU A 824 13.28 2.27 -20.85
CA LEU A 824 12.92 3.28 -19.87
C LEU A 824 11.90 2.76 -18.83
N GLN A 825 10.80 2.17 -19.30
CA GLN A 825 9.69 1.73 -18.41
C GLN A 825 10.07 0.62 -17.43
N ALA A 826 11.15 -0.13 -17.73
CA ALA A 826 11.67 -1.16 -16.83
C ALA A 826 12.41 -0.54 -15.65
N ASN A 827 12.88 0.71 -15.82
CA ASN A 827 13.59 1.42 -14.75
C ASN A 827 12.68 2.21 -13.81
N TYR A 828 11.38 2.16 -14.08
CA TYR A 828 10.36 2.69 -13.18
C TYR A 828 10.01 1.68 -12.10
N TYR A 829 9.87 2.15 -10.85
CA TYR A 829 9.59 1.31 -9.67
C TYR A 829 8.43 1.94 -8.87
N PRO A 830 7.79 1.14 -8.01
CA PRO A 830 6.78 1.73 -7.12
C PRO A 830 7.45 2.74 -6.16
N ILE A 831 6.80 3.87 -5.91
CA ILE A 831 7.21 4.83 -4.86
C ILE A 831 6.07 4.89 -3.83
N PRO A 832 5.90 3.83 -3.03
CA PRO A 832 4.77 3.81 -2.10
C PRO A 832 4.86 4.85 -0.99
N SER A 833 6.07 5.30 -0.61
CA SER A 833 6.19 6.35 0.40
C SER A 833 7.43 7.23 0.29
N GLY A 834 8.43 6.82 -0.47
CA GLY A 834 9.59 7.70 -0.65
C GLY A 834 10.67 7.16 -1.55
N MET A 835 11.60 8.05 -1.87
CA MET A 835 12.73 7.69 -2.75
C MET A 835 13.89 8.66 -2.44
N PHE A 836 15.12 8.23 -2.70
CA PHE A 836 16.26 9.14 -2.53
C PHE A 836 17.42 8.80 -3.45
N ILE A 837 18.26 9.83 -3.68
CA ILE A 837 19.58 9.68 -4.32
C ILE A 837 20.63 10.28 -3.40
N GLU A 838 21.85 9.77 -3.49
CA GLU A 838 22.96 10.31 -2.69
C GLU A 838 24.32 10.09 -3.34
N ASP A 839 25.29 10.90 -2.93
CA ASP A 839 26.71 10.63 -3.20
C ASP A 839 27.46 10.56 -1.87
N ALA A 840 28.78 10.73 -1.88
CA ALA A 840 29.55 10.67 -0.63
C ALA A 840 29.11 11.72 0.38
N ASN A 841 28.66 12.89 -0.10
CA ASN A 841 28.40 14.04 0.79
C ASN A 841 26.96 14.49 0.99
N THR A 842 26.11 14.26 -0.01
CA THR A 842 24.79 14.91 -0.09
C THR A 842 23.73 13.88 -0.45
N ARG A 843 22.56 14.03 0.17
CA ARG A 843 21.38 13.19 -0.16
C ARG A 843 20.17 14.10 -0.41
N LEU A 844 19.33 13.69 -1.37
CA LEU A 844 18.02 14.34 -1.57
C LEU A 844 16.95 13.25 -1.45
N THR A 845 16.04 13.41 -0.49
CA THR A 845 14.95 12.47 -0.27
C THR A 845 13.60 13.16 -0.53
N LEU A 846 12.75 12.49 -1.31
CA LEU A 846 11.39 12.93 -1.57
C LEU A 846 10.43 11.93 -0.90
N LEU A 847 9.67 12.41 0.10
CA LEU A 847 8.66 11.58 0.77
C LEU A 847 7.28 11.87 0.16
N THR A 848 6.43 10.84 0.08
CA THR A 848 5.10 11.00 -0.54
CA THR A 848 5.13 10.96 -0.57
C THR A 848 3.93 10.65 0.38
N GLY A 849 2.79 11.33 0.16
CA GLY A 849 1.56 11.00 0.89
C GLY A 849 0.63 10.08 0.08
N GLN A 850 1.14 9.49 -1.00
CA GLN A 850 0.38 8.62 -1.89
C GLN A 850 1.35 7.79 -2.73
N PRO A 851 0.98 6.53 -3.06
CA PRO A 851 1.87 5.72 -3.93
C PRO A 851 1.76 6.17 -5.39
N LEU A 852 2.93 6.35 -6.04
CA LEU A 852 3.04 6.76 -7.45
C LEU A 852 4.24 6.05 -8.07
N GLY A 853 4.39 6.08 -9.39
CA GLY A 853 5.57 5.46 -10.03
C GLY A 853 6.71 6.44 -10.20
N GLY A 854 7.96 5.96 -10.17
CA GLY A 854 9.07 6.89 -10.35
C GLY A 854 10.40 6.22 -10.62
N SER A 855 11.43 7.06 -10.81
CA SER A 855 12.74 6.54 -11.18
C SER A 855 13.80 7.61 -10.97
N SER A 856 15.03 7.22 -11.29
CA SER A 856 16.14 8.16 -11.51
C SER A 856 16.75 7.81 -12.86
N LEU A 857 16.43 8.59 -13.91
CA LEU A 857 16.83 8.20 -15.27
C LEU A 857 18.20 8.71 -15.68
N ALA A 858 18.80 9.51 -14.81
CA ALA A 858 20.14 10.05 -15.02
C ALA A 858 20.70 10.46 -13.68
N SER A 859 22.03 10.46 -13.60
CA SER A 859 22.71 10.82 -12.38
C SER A 859 22.19 12.19 -11.91
N GLY A 860 21.95 12.30 -10.60
CA GLY A 860 21.46 13.54 -10.00
C GLY A 860 19.96 13.81 -10.10
N GLU A 861 19.20 12.93 -10.76
CA GLU A 861 17.75 13.16 -10.95
C GLU A 861 16.85 12.26 -10.09
N LEU A 862 15.67 12.76 -9.78
CA LEU A 862 14.56 11.97 -9.25
C LEU A 862 13.33 12.36 -10.07
N GLU A 863 12.43 11.42 -10.34
CA GLU A 863 11.17 11.79 -10.97
C GLU A 863 10.04 10.90 -10.48
N ILE A 864 8.84 11.47 -10.49
CA ILE A 864 7.64 10.80 -9.97
C ILE A 864 6.42 11.21 -10.79
N MET A 865 5.70 10.21 -11.30
CA MET A 865 4.54 10.44 -12.14
C MET A 865 3.36 10.98 -11.32
N GLN A 866 2.65 11.96 -11.90
CA GLN A 866 1.53 12.64 -11.22
C GLN A 866 0.17 12.11 -11.63
N ASP A 867 -0.06 11.95 -12.95
CA ASP A 867 -1.29 11.33 -13.45
C ASP A 867 -1.05 10.91 -14.90
N ARG A 868 -1.96 10.10 -15.42
CA ARG A 868 -1.84 9.56 -16.76
C ARG A 868 -3.25 9.37 -17.32
N ARG A 869 -3.43 9.78 -18.59
CA ARG A 869 -4.72 9.71 -19.29
C ARG A 869 -4.46 9.02 -20.61
N LEU A 870 -5.05 7.84 -20.81
CA LEU A 870 -4.73 6.95 -21.92
C LEU A 870 -6.00 6.53 -22.65
N ALA A 871 -5.99 6.70 -23.97
CA ALA A 871 -7.17 6.41 -24.73
C ALA A 871 -7.35 4.92 -25.07
N SER A 872 -6.26 4.16 -25.05
CA SER A 872 -6.30 2.78 -25.55
C SER A 872 -6.29 1.75 -24.43
N ASP A 873 -6.89 0.59 -24.71
CA ASP A 873 -6.77 -0.61 -23.88
C ASP A 873 -5.41 -1.27 -24.15
N ASP A 874 -4.82 -1.85 -23.10
CA ASP A 874 -3.48 -2.47 -23.21
C ASP A 874 -3.49 -4.00 -23.11
N GLU A 875 -4.60 -4.63 -23.52
CA GLU A 875 -4.68 -6.06 -23.81
CA GLU A 875 -4.57 -6.07 -23.83
C GLU A 875 -4.39 -6.99 -22.62
N ARG A 876 -4.81 -6.56 -21.43
CA ARG A 876 -4.75 -7.41 -20.22
C ARG A 876 -6.15 -7.69 -19.62
N GLY A 877 -7.20 -7.46 -20.42
CA GLY A 877 -8.57 -7.84 -20.04
C GLY A 877 -9.48 -6.73 -19.57
N LEU A 878 -8.92 -5.55 -19.32
CA LEU A 878 -9.73 -4.46 -18.77
C LEU A 878 -10.77 -3.93 -19.77
N GLY A 879 -10.39 -3.88 -21.06
CA GLY A 879 -11.30 -3.46 -22.13
C GLY A 879 -11.68 -1.98 -22.12
N GLN A 880 -10.81 -1.15 -21.57
CA GLN A 880 -10.99 0.30 -21.68
C GLN A 880 -9.66 0.98 -21.41
N GLY A 881 -9.53 2.25 -21.82
CA GLY A 881 -8.41 3.08 -21.42
C GLY A 881 -8.64 3.69 -20.03
N VAL A 882 -7.87 4.73 -19.75
CA VAL A 882 -8.03 5.48 -18.51
C VAL A 882 -8.40 6.92 -18.90
N LEU A 883 -9.70 7.21 -18.83
CA LEU A 883 -10.24 8.50 -19.30
C LEU A 883 -11.16 9.13 -18.25
N ASP A 884 -11.07 8.65 -17.02
CA ASP A 884 -11.93 9.06 -15.91
C ASP A 884 -11.15 9.86 -14.84
N ASN A 885 -10.09 10.54 -15.27
CA ASN A 885 -9.29 11.36 -14.38
C ASN A 885 -10.13 12.40 -13.68
N LYS A 886 -9.72 12.75 -12.45
CA LYS A 886 -10.33 13.84 -11.71
C LYS A 886 -9.23 14.57 -10.91
N PRO A 887 -9.47 15.84 -10.56
CA PRO A 887 -8.45 16.58 -9.80
C PRO A 887 -8.06 15.87 -8.50
N VAL A 888 -6.75 15.84 -8.23
CA VAL A 888 -6.21 15.18 -7.04
C VAL A 888 -5.14 16.10 -6.43
N LEU A 889 -5.09 16.20 -5.11
CA LEU A 889 -4.03 16.93 -4.42
C LEU A 889 -2.95 15.98 -3.89
N HIS A 890 -1.82 15.92 -4.59
CA HIS A 890 -0.67 15.14 -4.17
C HIS A 890 0.18 15.94 -3.17
N ILE A 891 0.68 15.25 -2.15
CA ILE A 891 1.51 15.91 -1.11
C ILE A 891 2.88 15.22 -0.94
N TYR A 892 3.88 16.01 -0.56
CA TYR A 892 5.27 15.54 -0.45
C TYR A 892 6.01 16.35 0.60
N ARG A 893 7.16 15.79 1.04
CA ARG A 893 8.18 16.59 1.74
C ARG A 893 9.50 16.38 0.99
N LEU A 894 10.32 17.44 0.92
CA LEU A 894 11.58 17.43 0.19
C LEU A 894 12.74 17.73 1.15
N VAL A 895 13.59 16.73 1.39
CA VAL A 895 14.64 16.79 2.42
C VAL A 895 16.04 16.73 1.80
N LEU A 896 16.76 17.86 1.82
CA LEU A 896 18.16 17.92 1.37
C LEU A 896 19.03 17.84 2.61
N GLU A 897 20.03 16.95 2.63
CA GLU A 897 20.83 16.75 3.85
C GLU A 897 22.28 16.46 3.50
N LYS A 898 23.18 16.83 4.40
CA LYS A 898 24.57 16.36 4.36
C LYS A 898 24.68 15.00 5.02
N VAL A 899 25.31 14.05 4.33
CA VAL A 899 25.40 12.68 4.81
C VAL A 899 26.84 12.15 4.96
N ASN A 900 27.82 13.04 4.78
CA ASN A 900 29.23 12.65 4.90
C ASN A 900 29.60 12.05 6.26
N ASN A 901 28.88 12.45 7.31
CA ASN A 901 29.13 11.95 8.67
C ASN A 901 28.28 10.73 9.07
N CYS A 902 27.35 10.30 8.20
CA CYS A 902 26.45 9.20 8.53
C CYS A 902 27.13 7.83 8.39
N VAL A 903 26.85 6.93 9.32
CA VAL A 903 27.29 5.53 9.20
C VAL A 903 26.32 4.79 8.27
N ARG A 904 26.75 4.56 7.03
CA ARG A 904 25.91 3.94 6.00
C ARG A 904 26.34 2.51 5.74
N PRO A 905 25.45 1.71 5.12
CA PRO A 905 25.86 0.36 4.70
C PRO A 905 27.01 0.42 3.70
N SER A 906 27.75 -0.68 3.59
CA SER A 906 28.81 -0.79 2.61
C SER A 906 28.24 -0.83 1.19
N LYS A 907 29.13 -0.67 0.21
CA LYS A 907 28.76 -0.64 -1.20
C LYS A 907 27.98 -1.88 -1.66
N LEU A 908 28.19 -3.02 -1.01
CA LEU A 908 27.55 -4.27 -1.46
C LEU A 908 26.21 -4.57 -0.76
N HIS A 909 25.84 -3.75 0.23
CA HIS A 909 24.59 -3.99 0.98
C HIS A 909 23.37 -3.61 0.10
N PRO A 910 22.35 -4.47 0.01
CA PRO A 910 21.20 -4.15 -0.84
C PRO A 910 20.17 -3.17 -0.25
N ALA A 911 20.32 -2.72 1.01
CA ALA A 911 19.36 -1.80 1.64
C ALA A 911 19.89 -0.37 1.79
N GLY A 912 18.96 0.56 2.01
CA GLY A 912 19.30 1.90 2.50
C GLY A 912 18.36 2.28 3.64
N TYR A 913 18.70 3.35 4.36
CA TYR A 913 17.96 3.77 5.56
C TYR A 913 17.79 5.27 5.58
N LEU A 914 16.64 5.72 6.10
CA LEU A 914 16.38 7.14 6.27
C LEU A 914 17.15 7.75 7.43
N THR A 915 17.31 9.08 7.36
CA THR A 915 17.72 9.86 8.53
C THR A 915 16.49 10.18 9.41
N SER A 916 16.73 10.64 10.63
CA SER A 916 15.67 11.11 11.52
C SER A 916 14.77 12.14 10.85
N ALA A 917 15.35 13.15 10.20
CA ALA A 917 14.53 14.21 9.60
C ALA A 917 13.63 13.66 8.50
N ALA A 918 14.14 12.74 7.68
CA ALA A 918 13.34 12.18 6.58
C ALA A 918 12.20 11.29 7.12
N HIS A 919 12.50 10.48 8.14
CA HIS A 919 11.48 9.66 8.77
C HIS A 919 10.36 10.53 9.37
N LYS A 920 10.73 11.56 10.13
CA LYS A 920 9.72 12.44 10.71
C LYS A 920 8.90 13.13 9.61
N ALA A 921 9.55 13.48 8.50
CA ALA A 921 8.82 14.10 7.38
C ALA A 921 7.81 13.11 6.78
N SER A 922 8.19 11.83 6.64
CA SER A 922 7.22 10.83 6.17
C SER A 922 6.02 10.71 7.13
N GLN A 923 6.29 10.68 8.44
CA GLN A 923 5.21 10.59 9.44
C GLN A 923 4.29 11.82 9.36
N SER A 924 4.84 13.00 9.00
CA SER A 924 4.03 14.24 8.89
CA SER A 924 4.02 14.21 8.91
C SER A 924 3.01 14.14 7.76
N LEU A 925 3.34 13.34 6.73
CA LEU A 925 2.45 13.12 5.58
C LEU A 925 1.43 12.01 5.85
N LEU A 926 1.87 10.91 6.43
CA LEU A 926 0.98 9.75 6.58
C LEU A 926 0.13 9.76 7.82
N ASP A 927 0.66 10.30 8.92
CA ASP A 927 -0.07 10.32 10.20
C ASP A 927 0.04 11.69 10.85
N PRO A 928 -0.57 12.71 10.20
CA PRO A 928 -0.56 14.07 10.77
C PRO A 928 -1.43 14.15 12.02
N LEU A 929 -1.38 15.27 12.75
CA LEU A 929 -2.39 15.51 13.79
C LEU A 929 -3.79 15.52 13.18
N ASP A 930 -4.75 14.98 13.93
CA ASP A 930 -6.18 15.11 13.59
C ASP A 930 -6.76 16.34 14.26
N LYS A 931 -7.67 17.01 13.56
CA LYS A 931 -8.26 18.27 14.06
C LYS A 931 -9.77 18.16 14.19
N PHE A 932 -10.30 18.57 15.33
CA PHE A 932 -11.73 18.46 15.64
C PHE A 932 -12.26 19.85 16.02
N ILE A 933 -13.42 20.23 15.49
CA ILE A 933 -14.06 21.53 15.80
C ILE A 933 -15.33 21.25 16.61
N PHE A 934 -15.46 21.81 17.82
CA PHE A 934 -16.66 21.55 18.62
C PHE A 934 -17.90 22.10 17.89
N ALA A 935 -18.96 21.28 17.77
CA ALA A 935 -20.07 21.59 16.88
C ALA A 935 -21.17 22.49 17.45
N GLU A 936 -21.30 22.53 18.79
CA GLU A 936 -22.33 23.33 19.49
C GLU A 936 -21.71 24.63 20.05
N ASN A 937 -22.53 25.48 20.66
CA ASN A 937 -22.02 26.76 21.17
C ASN A 937 -21.17 26.65 22.43
N GLU A 938 -21.53 25.74 23.33
CA GLU A 938 -20.84 25.59 24.61
C GLU A 938 -20.59 24.11 24.92
N TRP A 939 -19.35 23.81 25.28
CA TRP A 939 -18.97 22.44 25.66
C TRP A 939 -18.90 22.36 27.19
N ILE A 940 -19.97 21.84 27.79
CA ILE A 940 -20.06 21.74 29.25
C ILE A 940 -19.14 20.61 29.75
N GLY A 941 -18.27 20.93 30.70
CA GLY A 941 -17.38 19.92 31.30
C GLY A 941 -16.07 19.69 30.54
N ALA A 942 -15.73 20.58 29.60
CA ALA A 942 -14.53 20.44 28.74
C ALA A 942 -13.23 20.38 29.53
N GLN A 943 -12.32 19.51 29.08
CA GLN A 943 -11.00 19.35 29.67
C GLN A 943 -9.89 19.68 28.67
N GLY A 944 -8.70 20.01 29.18
CA GLY A 944 -7.65 20.59 28.36
C GLY A 944 -6.70 19.60 27.67
N GLN A 945 -6.60 18.39 28.20
CA GLN A 945 -5.59 17.44 27.70
C GLN A 945 -5.94 16.01 28.07
N PHE A 946 -5.52 15.08 27.22
CA PHE A 946 -5.56 13.63 27.53
C PHE A 946 -4.22 13.02 27.15
N GLY A 947 -3.66 12.14 28.00
CA GLY A 947 -2.45 11.44 27.67
C GLY A 947 -1.14 12.09 28.10
N GLY A 948 -1.19 13.11 28.96
CA GLY A 948 0.01 13.77 29.45
C GLY A 948 0.97 12.82 30.19
N ASP A 949 0.43 11.74 30.73
CA ASP A 949 1.24 10.75 31.44
C ASP A 949 1.66 9.53 30.59
N HIS A 950 1.29 9.54 29.29
CA HIS A 950 1.74 8.49 28.35
C HIS A 950 3.26 8.59 28.09
N PRO A 951 4.00 7.46 28.08
CA PRO A 951 5.43 7.51 27.76
C PRO A 951 5.73 8.07 26.37
N SER A 952 6.78 8.88 26.28
CA SER A 952 7.23 9.44 25.00
C SER A 952 8.38 8.58 24.51
N ALA A 953 8.08 7.68 23.58
CA ALA A 953 9.01 6.65 23.12
C ALA A 953 10.06 7.17 22.15
N ARG A 954 11.19 6.45 22.06
CA ARG A 954 12.24 6.79 21.09
C ARG A 954 11.64 6.97 19.69
N GLU A 955 12.21 7.90 18.93
CA GLU A 955 11.65 8.35 17.66
C GLU A 955 11.50 7.26 16.58
N ASP A 956 12.31 6.20 16.68
CA ASP A 956 12.22 5.12 15.69
C ASP A 956 11.14 4.08 15.99
N LEU A 957 10.46 4.22 17.13
CA LEU A 957 9.40 3.27 17.52
C LEU A 957 8.00 3.83 17.22
N ASP A 958 7.11 2.98 16.68
CA ASP A 958 5.71 3.35 16.46
C ASP A 958 4.78 2.28 17.02
N VAL A 959 3.62 2.74 17.51
CA VAL A 959 2.48 1.88 17.84
C VAL A 959 1.61 1.90 16.58
N SER A 960 1.89 0.98 15.67
CA SER A 960 1.26 0.95 14.36
C SER A 960 -0.25 0.67 14.46
N VAL A 961 -0.62 -0.18 15.42
CA VAL A 961 -2.01 -0.59 15.70
C VAL A 961 -2.25 -0.60 17.20
N MET A 962 -3.35 0.03 17.64
CA MET A 962 -3.92 -0.23 18.97
C MET A 962 -5.41 -0.57 18.72
N ARG A 963 -5.85 -1.75 19.18
CA ARG A 963 -7.20 -2.25 18.87
C ARG A 963 -7.76 -3.01 20.09
N ARG A 964 -8.88 -2.57 20.65
CA ARG A 964 -9.55 -3.39 21.68
C ARG A 964 -10.17 -4.61 20.96
N LEU A 965 -9.95 -5.79 21.54
CA LEU A 965 -10.29 -7.07 20.87
C LEU A 965 -11.55 -7.71 21.43
N THR A 966 -12.07 -7.14 22.53
CA THR A 966 -13.24 -7.68 23.24
C THR A 966 -14.37 -6.66 23.27
N LYS A 967 -15.59 -7.16 23.22
CA LYS A 967 -16.79 -6.33 23.44
C LYS A 967 -17.04 -6.14 24.94
N SER A 968 -17.99 -5.26 25.28
CA SER A 968 -18.15 -4.82 26.68
C SER A 968 -18.61 -5.92 27.64
N SER A 969 -19.24 -6.98 27.11
CA SER A 969 -19.72 -8.08 27.96
C SER A 969 -18.64 -9.04 28.47
N ALA A 970 -17.42 -8.98 27.92
CA ALA A 970 -16.32 -9.85 28.34
C ALA A 970 -15.78 -9.44 29.70
N LYS A 971 -15.81 -10.40 30.65
CA LYS A 971 -15.23 -10.19 31.98
C LYS A 971 -13.76 -9.77 31.92
N THR A 972 -12.98 -10.43 31.06
CA THR A 972 -11.57 -10.10 30.86
C THR A 972 -11.44 -9.32 29.54
N GLN A 973 -11.13 -8.03 29.63
CA GLN A 973 -10.92 -7.20 28.44
C GLN A 973 -9.52 -7.45 27.86
N ARG A 974 -9.41 -7.40 26.53
CA ARG A 974 -8.15 -7.63 25.85
C ARG A 974 -7.90 -6.50 24.85
N VAL A 975 -6.67 -5.97 24.85
CA VAL A 975 -6.26 -4.92 23.90
C VAL A 975 -5.00 -5.37 23.17
N GLY A 976 -5.03 -5.28 21.84
CA GLY A 976 -3.89 -5.66 20.98
C GLY A 976 -3.12 -4.44 20.48
N TYR A 977 -1.80 -4.61 20.42
CA TYR A 977 -0.86 -3.60 19.94
C TYR A 977 0.09 -4.24 18.93
N VAL A 978 0.32 -3.53 17.83
CA VAL A 978 1.41 -3.86 16.90
C VAL A 978 2.46 -2.77 17.05
N LEU A 979 3.69 -3.19 17.40
CA LEU A 979 4.83 -2.29 17.59
C LEU A 979 5.92 -2.49 16.56
C LEU A 979 5.76 -2.51 16.40
N HIS A 980 6.21 -1.42 15.81
CA HIS A 980 7.20 -1.44 14.75
C HIS A 980 8.38 -0.52 15.08
N ARG A 981 9.61 -1.02 15.01
CA ARG A 981 10.79 -0.12 15.08
C ARG A 981 11.48 -0.09 13.74
N THR A 982 11.61 1.11 13.17
CA THR A 982 12.39 1.28 11.95
C THR A 982 13.90 1.35 12.27
N ASN A 983 14.74 1.59 11.27
CA ASN A 983 16.16 1.80 11.53
C ASN A 983 16.57 3.13 10.88
N LEU A 984 17.08 4.03 11.72
CA LEU A 984 17.51 5.38 11.26
C LEU A 984 19.02 5.47 11.30
N MET A 985 19.58 6.22 10.36
CA MET A 985 21.04 6.35 10.33
C MET A 985 21.62 7.12 11.50
N GLN A 986 22.79 6.68 11.95
CA GLN A 986 23.59 7.39 12.95
C GLN A 986 24.40 8.43 12.22
N CYS A 987 24.12 9.71 12.50
CA CYS A 987 24.84 10.80 11.81
C CYS A 987 25.48 11.83 12.76
N GLY A 988 25.65 11.48 14.02
CA GLY A 988 26.37 12.34 14.97
C GLY A 988 25.52 13.25 15.83
N THR A 989 24.20 13.09 15.77
CA THR A 989 23.32 13.83 16.65
C THR A 989 23.18 13.06 17.97
N PRO A 990 23.64 13.68 19.08
CA PRO A 990 23.59 13.01 20.38
C PRO A 990 22.17 12.56 20.73
N GLU A 991 22.06 11.37 21.31
CA GLU A 991 20.78 10.85 21.73
C GLU A 991 20.42 11.41 23.10
N GLU A 992 19.23 11.98 23.21
CA GLU A 992 18.66 12.35 24.50
C GLU A 992 17.87 11.16 25.03
N HIS A 993 17.93 10.95 26.35
CA HIS A 993 17.12 9.89 26.97
C HIS A 993 15.62 10.14 26.75
N THR A 994 14.93 9.07 26.34
CA THR A 994 13.48 9.07 26.15
C THR A 994 12.92 8.07 27.16
N GLN A 995 11.62 7.79 27.16
CA GLN A 995 11.07 6.81 28.10
C GLN A 995 10.77 5.47 27.44
N LYS A 996 10.99 4.40 28.20
CA LYS A 996 10.61 3.05 27.79
C LYS A 996 9.09 2.99 27.59
N LEU A 997 8.67 2.42 26.46
CA LEU A 997 7.25 2.21 26.23
C LEU A 997 6.90 0.74 26.48
N ASP A 998 6.05 0.51 27.47
CA ASP A 998 5.50 -0.81 27.77
C ASP A 998 4.01 -0.77 27.45
N VAL A 999 3.63 -1.26 26.28
CA VAL A 999 2.23 -1.15 25.89
C VAL A 999 1.28 -1.90 26.85
N CYS A 1000 1.78 -2.93 27.53
CA CYS A 1000 0.90 -3.71 28.41
C CYS A 1000 0.42 -2.97 29.66
N HIS A 1001 1.08 -1.85 29.98
CA HIS A 1001 0.69 -1.01 31.13
C HIS A 1001 0.05 0.33 30.70
N LEU A 1002 -0.33 0.48 29.42
CA LEU A 1002 -1.05 1.69 28.98
C LEU A 1002 -2.47 1.77 29.52
N LEU A 1003 -3.12 0.64 29.73
CA LEU A 1003 -4.42 0.59 30.39
C LEU A 1003 -4.26 0.01 31.78
N PRO A 1004 -5.08 0.48 32.74
CA PRO A 1004 -4.88 0.03 34.12
C PRO A 1004 -5.37 -1.40 34.38
N ASN A 1005 -4.98 -1.92 35.55
CA ASN A 1005 -5.44 -3.23 36.01
C ASN A 1005 -5.04 -4.40 35.09
N VAL A 1006 -3.80 -4.36 34.60
CA VAL A 1006 -3.32 -5.44 33.75
C VAL A 1006 -3.17 -6.74 34.57
N ALA A 1007 -3.67 -7.84 34.01
CA ALA A 1007 -3.62 -9.16 34.65
C ALA A 1007 -2.70 -10.13 33.90
N ARG A 1008 -2.45 -9.86 32.61
CA ARG A 1008 -1.61 -10.74 31.79
C ARG A 1008 -1.13 -9.94 30.58
N CYS A 1009 0.07 -10.27 30.10
CA CYS A 1009 0.62 -9.69 28.85
C CYS A 1009 1.21 -10.85 28.06
N GLU A 1010 0.83 -10.94 26.79
CA GLU A 1010 1.27 -12.01 25.89
C GLU A 1010 1.83 -11.45 24.60
N ARG A 1011 2.93 -12.02 24.12
CA ARG A 1011 3.35 -11.78 22.74
C ARG A 1011 2.54 -12.69 21.83
N THR A 1012 2.04 -12.15 20.71
CA THR A 1012 1.19 -12.91 19.79
C THR A 1012 1.70 -12.80 18.35
N THR A 1013 1.17 -13.64 17.46
CA THR A 1013 1.30 -13.39 16.03
C THR A 1013 0.72 -12.01 15.65
N LEU A 1014 1.09 -11.46 14.49
CA LEU A 1014 0.68 -10.06 14.18
C LEU A 1014 -0.82 -9.87 13.99
N THR A 1015 -1.53 -10.98 13.75
CA THR A 1015 -2.96 -10.99 13.58
C THR A 1015 -3.71 -11.12 14.92
N PHE A 1016 -2.95 -11.27 16.02
CA PHE A 1016 -3.46 -11.46 17.40
C PHE A 1016 -4.06 -12.85 17.64
N LEU A 1017 -3.92 -13.78 16.69
CA LEU A 1017 -4.69 -15.04 16.76
C LEU A 1017 -4.05 -16.18 17.51
N GLN A 1018 -2.74 -16.09 17.79
CA GLN A 1018 -2.03 -17.15 18.54
C GLN A 1018 -1.10 -16.55 19.57
N ASN A 1019 -1.19 -17.04 20.81
CA ASN A 1019 -0.26 -16.63 21.86
C ASN A 1019 1.07 -17.35 21.70
N LEU A 1020 2.17 -16.59 21.70
CA LEU A 1020 3.50 -17.14 21.50
C LEU A 1020 4.38 -17.16 22.77
N GLU A 1021 4.12 -16.21 23.68
CA GLU A 1021 4.96 -16.04 24.88
C GLU A 1021 4.14 -15.38 26.00
N HIS A 1022 4.20 -15.95 27.20
CA HIS A 1022 3.59 -15.37 28.38
C HIS A 1022 4.68 -14.53 29.05
N LEU A 1023 4.43 -13.24 29.19
CA LEU A 1023 5.50 -12.29 29.52
C LEU A 1023 5.66 -12.00 31.00
N ASP A 1024 6.91 -12.16 31.48
CA ASP A 1024 7.28 -11.90 32.87
C ASP A 1024 6.91 -10.51 33.33
N GLY A 1025 6.29 -10.42 34.50
CA GLY A 1025 5.91 -9.15 35.12
C GLY A 1025 4.95 -8.32 34.31
N MET A 1026 4.27 -8.95 33.34
CA MET A 1026 3.31 -8.28 32.47
C MET A 1026 3.90 -7.10 31.68
N VAL A 1027 5.18 -7.20 31.32
CA VAL A 1027 5.89 -6.15 30.60
C VAL A 1027 6.15 -6.58 29.16
N ALA A 1028 5.75 -5.72 28.22
CA ALA A 1028 5.96 -5.96 26.79
C ALA A 1028 7.28 -5.30 26.41
N PRO A 1029 8.30 -6.11 26.07
CA PRO A 1029 9.58 -5.50 25.68
C PRO A 1029 9.49 -4.71 24.37
N GLU A 1030 10.31 -3.68 24.23
CA GLU A 1030 10.43 -3.02 22.93
C GLU A 1030 11.14 -3.98 21.94
N VAL A 1031 10.96 -3.68 20.66
CA VAL A 1031 11.48 -4.52 19.59
C VAL A 1031 12.78 -3.97 19.02
N CYS A 1032 13.50 -4.82 18.29
CA CYS A 1032 14.76 -4.46 17.62
C CYS A 1032 14.54 -3.65 16.34
N PRO A 1033 15.58 -2.92 15.86
CA PRO A 1033 15.45 -2.22 14.57
C PRO A 1033 15.03 -3.16 13.43
N MET A 1034 14.05 -2.68 12.65
CA MET A 1034 13.45 -3.40 11.53
C MET A 1034 12.51 -4.53 11.92
N GLU A 1035 12.26 -4.71 13.20
CA GLU A 1035 11.35 -5.75 13.67
C GLU A 1035 9.97 -5.20 14.00
N THR A 1036 8.96 -6.08 13.93
CA THR A 1036 7.58 -5.79 14.26
C THR A 1036 7.10 -6.92 15.17
N ALA A 1037 6.47 -6.56 16.29
CA ALA A 1037 5.92 -7.54 17.24
C ALA A 1037 4.49 -7.14 17.61
N ALA A 1038 3.73 -8.11 18.10
CA ALA A 1038 2.39 -7.86 18.57
C ALA A 1038 2.26 -8.32 20.01
N TYR A 1039 1.49 -7.57 20.80
CA TYR A 1039 1.25 -7.90 22.19
C TYR A 1039 -0.23 -7.75 22.49
N VAL A 1040 -0.74 -8.59 23.39
CA VAL A 1040 -2.12 -8.43 23.89
C VAL A 1040 -2.07 -8.32 25.41
N SER A 1041 -2.64 -7.24 25.94
CA SER A 1041 -2.79 -7.09 27.39
C SER A 1041 -4.21 -7.48 27.80
N SER A 1042 -4.32 -8.18 28.93
CA SER A 1042 -5.61 -8.59 29.49
C SER A 1042 -5.86 -7.83 30.80
N HIS A 1043 -7.10 -7.41 31.01
CA HIS A 1043 -7.45 -6.50 32.11
C HIS A 1043 -8.72 -6.95 32.83
N SER A 1044 -8.70 -6.90 34.16
CA SER A 1044 -9.90 -7.20 34.94
C SER A 1044 -10.91 -6.05 34.83
N SER A 1045 -12.12 -6.34 34.36
CA SER A 1045 -13.14 -5.29 34.10
C SER A 1045 -14.47 -5.56 34.80
#